data_3X0U
#
_entry.id   3X0U
#
_cell.length_a   120.897
_cell.length_b   128.618
_cell.length_c   117.104
_cell.angle_alpha   90.00
_cell.angle_beta   90.00
_cell.angle_gamma   90.00
#
_symmetry.space_group_name_H-M   'C 2 2 21'
#
loop_
_entity.id
_entity.type
_entity.pdbx_description
1 polymer 'Uncharacterized protein'
2 water water
#
_entity_poly.entity_id   1
_entity_poly.type   'polypeptide(L)'
_entity_poly.pdbx_seq_one_letter_code
;MTNEYVVTMSSLTEFNPNNARKSYLFDNYEVDPNYAFKAMVSFGLSNIPYAGGFLSTLWNIFWPNTPNEPDIENIWEQLR
DRIQDLVDESIIDAINGILDSKIKETRDKIQDINETIENFGYAAAKDDYIGLVTHYLIGLEENFKRELDGDEWLGYAILP
LLATTVSLQITYMACGLDYKDEFGFTDSDVHKLTRNIDKLYDDVSSYITELAAWADNDSYNNANQDNVYDEVMGARSWCT
VHGFEHMLIWQKIKELKKVDVFVHSNLISYSPAVGFPSGNFNYIATGTEDEIPQPLKPNMFGERRNRIVKIESWNSIEIH
YYNRVGRLKLTYENGEVVELGKAHKYDEHYQSIELNGAYIKYVDVIANGPEAIDRIVFHFSDDRTFVVGENSGKPSVRLQ
LEGHFICGMLADQEGSDKVAAFSVAYELFHPDEFGTEKLEHHHHHH
;
_entity_poly.pdbx_strand_id   A,B
#
# COMPACT_ATOMS: atom_id res chain seq x y z
N LEU A 12 22.49 3.27 -10.72
CA LEU A 12 23.12 3.27 -12.08
C LEU A 12 23.81 4.61 -12.35
N THR A 13 25.13 4.69 -12.04
CA THR A 13 25.92 5.93 -12.28
C THR A 13 26.51 5.95 -13.71
N GLU A 14 26.07 6.94 -14.48
CA GLU A 14 26.26 6.98 -15.92
C GLU A 14 25.95 8.40 -16.39
N PHE A 15 25.97 8.63 -17.70
CA PHE A 15 25.54 9.94 -18.14
C PHE A 15 24.00 10.11 -18.03
N ASN A 16 23.56 11.09 -17.24
CA ASN A 16 22.13 11.40 -17.02
C ASN A 16 21.91 12.89 -17.00
N PRO A 17 21.50 13.44 -18.14
CA PRO A 17 21.30 14.84 -18.31
C PRO A 17 20.04 15.41 -17.61
N ASN A 18 19.24 14.56 -16.96
CA ASN A 18 17.95 14.98 -16.35
C ASN A 18 17.98 15.14 -14.85
N ASN A 19 19.02 14.63 -14.21
CA ASN A 19 18.98 14.57 -12.78
C ASN A 19 19.25 15.90 -12.07
N ALA A 20 19.65 16.89 -12.85
CA ALA A 20 19.95 18.23 -12.28
C ALA A 20 18.71 18.92 -11.68
N ARG A 21 17.55 18.63 -12.23
CA ARG A 21 16.32 19.21 -11.75
C ARG A 21 15.45 18.19 -10.94
N LYS A 22 16.08 17.11 -10.48
CA LYS A 22 15.38 16.16 -9.64
C LYS A 22 14.92 16.85 -8.33
N SER A 23 13.62 16.74 -8.03
CA SER A 23 13.02 17.29 -6.82
C SER A 23 11.71 16.55 -6.71
N TYR A 24 11.50 15.88 -5.58
CA TYR A 24 10.27 15.18 -5.33
C TYR A 24 9.22 16.00 -4.54
N LEU A 25 9.59 17.22 -4.13
CA LEU A 25 8.67 18.11 -3.39
C LEU A 25 7.35 18.27 -4.12
N PHE A 26 6.25 18.14 -3.39
CA PHE A 26 4.91 18.37 -3.91
C PHE A 26 4.69 19.83 -3.70
N ASP A 27 4.18 20.49 -4.72
CA ASP A 27 3.95 21.94 -4.60
C ASP A 27 2.85 22.18 -3.55
N ASN A 28 2.95 23.29 -2.83
CA ASN A 28 1.92 23.66 -1.84
C ASN A 28 0.59 23.77 -2.50
N TYR A 29 0.53 24.33 -3.72
CA TYR A 29 -0.69 24.37 -4.56
C TYR A 29 -0.35 23.48 -5.76
N GLU A 30 -0.93 22.29 -5.82
CA GLU A 30 -0.61 21.32 -6.85
C GLU A 30 -1.80 21.14 -7.74
N VAL A 31 -1.49 20.83 -8.99
CA VAL A 31 -2.49 20.70 -10.01
C VAL A 31 -2.83 19.25 -10.26
N ASP A 32 -4.05 19.00 -10.77
CA ASP A 32 -4.42 17.72 -11.25
C ASP A 32 -5.40 17.93 -12.38
N PRO A 33 -4.87 18.13 -13.59
CA PRO A 33 -5.69 18.33 -14.77
C PRO A 33 -6.64 17.17 -15.11
N ASN A 34 -6.39 15.98 -14.51
CA ASN A 34 -7.29 14.84 -14.63
C ASN A 34 -8.41 14.75 -13.60
N TYR A 35 -8.63 15.80 -12.84
CA TYR A 35 -9.59 15.66 -11.74
C TYR A 35 -11.02 15.42 -12.26
N ALA A 36 -11.37 15.99 -13.39
CA ALA A 36 -12.73 15.85 -13.93
C ALA A 36 -12.87 14.50 -14.63
N PHE A 37 -11.81 14.08 -15.34
CA PHE A 37 -11.77 12.75 -15.82
C PHE A 37 -12.07 11.78 -14.70
N LYS A 38 -11.35 11.95 -13.59
CA LYS A 38 -11.49 10.99 -12.51
C LYS A 38 -12.89 10.98 -11.90
N ALA A 39 -13.35 12.16 -11.60
CA ALA A 39 -14.66 12.29 -10.92
C ALA A 39 -15.82 11.86 -11.86
N MET A 40 -15.74 12.24 -13.10
CA MET A 40 -16.84 11.93 -14.07
C MET A 40 -16.90 10.49 -14.44
N VAL A 41 -15.74 9.87 -14.78
CA VAL A 41 -15.75 8.46 -15.06
C VAL A 41 -16.11 7.62 -13.85
N SER A 42 -15.69 8.09 -12.65
CA SER A 42 -15.89 7.29 -11.44
C SER A 42 -17.33 7.36 -10.93
N PHE A 43 -18.04 8.38 -11.33
CA PHE A 43 -19.46 8.56 -11.01
C PHE A 43 -20.34 7.65 -11.86
N GLY A 44 -19.80 7.17 -12.96
CA GLY A 44 -20.58 6.45 -14.02
C GLY A 44 -20.92 7.48 -15.10
N LEU A 45 -20.36 7.34 -16.27
CA LEU A 45 -20.65 8.29 -17.38
C LEU A 45 -22.15 8.40 -17.69
N SER A 46 -22.90 7.35 -17.52
CA SER A 46 -24.39 7.38 -17.76
C SER A 46 -25.13 8.10 -16.64
N ASN A 47 -24.46 8.37 -15.52
CA ASN A 47 -25.10 9.03 -14.37
C ASN A 47 -24.91 10.53 -14.41
N ILE A 48 -24.07 11.03 -15.33
CA ILE A 48 -23.77 12.44 -15.37
C ILE A 48 -24.98 13.20 -15.94
N PRO A 49 -25.54 14.14 -15.16
CA PRO A 49 -26.70 14.83 -15.72
C PRO A 49 -26.33 15.63 -17.00
N TYR A 50 -27.19 15.59 -18.00
CA TYR A 50 -27.09 16.42 -19.18
C TYR A 50 -26.05 15.93 -20.20
N ALA A 51 -25.49 14.76 -19.95
CA ALA A 51 -24.43 14.29 -20.82
C ALA A 51 -25.01 13.48 -21.97
N GLY A 52 -24.23 13.46 -23.06
CA GLY A 52 -24.58 12.65 -24.24
C GLY A 52 -23.87 11.30 -24.24
N GLY A 53 -23.51 10.85 -25.43
CA GLY A 53 -22.82 9.57 -25.61
C GLY A 53 -21.40 9.61 -25.02
N PHE A 54 -20.94 8.46 -24.59
CA PHE A 54 -19.64 8.33 -23.87
C PHE A 54 -18.48 8.87 -24.67
N LEU A 55 -18.45 8.66 -25.99
CA LEU A 55 -17.29 9.07 -26.74
C LEU A 55 -17.26 10.60 -26.84
N SER A 56 -18.45 11.26 -26.80
CA SER A 56 -18.47 12.72 -26.76
C SER A 56 -18.12 13.25 -25.37
N THR A 57 -18.65 12.63 -24.33
CA THR A 57 -18.33 13.04 -22.95
C THR A 57 -16.82 12.97 -22.70
N LEU A 58 -16.24 11.87 -23.13
CA LEU A 58 -14.81 11.71 -22.89
C LEU A 58 -13.99 12.70 -23.69
N TRP A 59 -14.41 13.03 -24.91
CA TRP A 59 -13.67 13.93 -25.71
C TRP A 59 -13.62 15.31 -25.05
N ASN A 60 -14.76 15.74 -24.52
CA ASN A 60 -14.84 17.05 -23.90
C ASN A 60 -14.04 17.11 -22.57
N ILE A 61 -13.76 15.97 -21.99
CA ILE A 61 -12.93 15.88 -20.75
C ILE A 61 -11.43 16.06 -21.13
N PHE A 62 -10.97 15.27 -22.11
CA PHE A 62 -9.56 15.33 -22.52
C PHE A 62 -9.17 16.60 -23.22
N TRP A 63 -10.12 17.18 -23.94
CA TRP A 63 -9.91 18.36 -24.76
C TRP A 63 -10.98 19.38 -24.36
N PRO A 64 -10.85 19.96 -23.18
CA PRO A 64 -11.90 20.90 -22.69
C PRO A 64 -12.06 22.11 -23.57
N ASN A 65 -13.32 22.54 -23.67
CA ASN A 65 -13.65 23.54 -24.64
C ASN A 65 -14.99 24.14 -24.22
N THR A 66 -15.14 25.44 -24.44
CA THR A 66 -16.43 26.09 -24.22
C THR A 66 -16.72 26.82 -25.49
N PRO A 67 -17.99 26.71 -25.93
CA PRO A 67 -18.40 27.06 -27.29
C PRO A 67 -18.24 28.56 -27.47
N ASN A 68 -17.59 28.95 -28.57
CA ASN A 68 -17.16 30.33 -28.79
C ASN A 68 -16.07 30.73 -27.77
N GLU A 69 -15.04 31.39 -28.30
CA GLU A 69 -13.92 31.93 -27.53
C GLU A 69 -13.09 30.83 -26.80
N PRO A 70 -12.83 30.98 -25.49
CA PRO A 70 -11.56 30.46 -24.92
C PRO A 70 -11.01 29.17 -25.54
N ASP A 71 -9.75 29.22 -25.98
CA ASP A 71 -8.99 28.00 -26.25
C ASP A 71 -8.19 27.59 -25.00
N ILE A 72 -8.63 26.47 -24.41
CA ILE A 72 -8.15 26.00 -23.14
C ILE A 72 -7.09 24.93 -23.49
N GLU A 73 -6.02 24.88 -22.70
CA GLU A 73 -5.04 23.77 -22.85
C GLU A 73 -5.71 22.43 -22.52
N ASN A 74 -5.38 21.41 -23.29
CA ASN A 74 -5.91 20.05 -23.06
C ASN A 74 -5.19 19.45 -21.81
N ILE A 75 -5.61 18.26 -21.37
CA ILE A 75 -5.07 17.71 -20.13
C ILE A 75 -3.55 17.55 -20.22
N TRP A 76 -3.07 16.99 -21.33
CA TRP A 76 -1.61 16.78 -21.54
C TRP A 76 -0.84 18.08 -21.49
N GLU A 77 -1.36 19.11 -22.16
CA GLU A 77 -0.68 20.41 -22.12
C GLU A 77 -0.61 21.03 -20.75
N GLN A 78 -1.68 20.92 -19.97
CA GLN A 78 -1.68 21.38 -18.58
C GLN A 78 -0.62 20.64 -17.77
N LEU A 79 -0.51 19.32 -17.94
CA LEU A 79 0.51 18.55 -17.32
C LEU A 79 1.91 18.92 -17.77
N ARG A 80 2.11 19.16 -19.06
CA ARG A 80 3.35 19.65 -19.57
C ARG A 80 3.80 20.94 -18.82
N ASP A 81 2.89 21.87 -18.62
CA ASP A 81 3.24 23.10 -17.87
C ASP A 81 3.77 22.79 -16.46
N ARG A 82 3.25 21.76 -15.81
CA ARG A 82 3.76 21.37 -14.48
C ARG A 82 5.12 20.68 -14.56
N ILE A 83 5.26 19.80 -15.57
CA ILE A 83 6.44 18.95 -15.69
C ILE A 83 7.68 19.76 -16.06
N GLN A 84 7.46 20.92 -16.67
CA GLN A 84 8.57 21.77 -17.06
C GLN A 84 9.42 22.20 -15.85
N ASP A 85 8.88 22.18 -14.64
CA ASP A 85 9.71 22.48 -13.48
C ASP A 85 10.69 21.34 -13.14
N LEU A 86 10.47 20.10 -13.69
CA LEU A 86 11.18 18.88 -13.33
C LEU A 86 12.20 18.44 -14.33
N VAL A 87 12.11 18.99 -15.55
CA VAL A 87 12.92 18.51 -16.64
C VAL A 87 13.41 19.73 -17.45
N ASP A 88 14.40 19.49 -18.27
CA ASP A 88 14.99 20.60 -19.04
C ASP A 88 14.15 20.88 -20.33
N GLU A 89 14.50 21.97 -21.01
CA GLU A 89 13.78 22.41 -22.18
C GLU A 89 13.78 21.38 -23.26
N SER A 90 14.86 20.62 -23.39
CA SER A 90 14.87 19.57 -24.40
C SER A 90 13.83 18.44 -24.21
N ILE A 91 13.60 18.04 -22.96
CA ILE A 91 12.57 17.05 -22.67
C ILE A 91 11.20 17.69 -23.03
N ILE A 92 11.01 18.94 -22.67
CA ILE A 92 9.74 19.59 -22.93
C ILE A 92 9.49 19.68 -24.45
N ASP A 93 10.54 19.99 -25.22
CA ASP A 93 10.40 19.97 -26.68
C ASP A 93 9.99 18.66 -27.22
N ALA A 94 10.54 17.58 -26.71
CA ALA A 94 10.18 16.25 -27.13
C ALA A 94 8.70 15.95 -26.79
N ILE A 95 8.31 16.30 -25.55
CA ILE A 95 6.92 16.20 -25.15
C ILE A 95 6.01 16.94 -26.12
N ASN A 96 6.32 18.19 -26.38
CA ASN A 96 5.51 19.01 -27.25
C ASN A 96 5.37 18.39 -28.66
N GLY A 97 6.46 17.83 -29.15
CA GLY A 97 6.44 17.05 -30.37
C GLY A 97 5.43 15.93 -30.38
N ILE A 98 5.30 15.18 -29.30
CA ILE A 98 4.37 14.12 -29.21
C ILE A 98 2.97 14.67 -29.10
N LEU A 99 2.80 15.73 -28.28
CA LEU A 99 1.46 16.30 -28.14
C LEU A 99 0.93 16.86 -29.44
N ASP A 100 1.81 17.55 -30.18
CA ASP A 100 1.40 18.26 -31.43
C ASP A 100 1.20 17.27 -32.57
N SER A 101 1.59 16.02 -32.39
CA SER A 101 1.50 14.97 -33.43
C SER A 101 0.53 13.86 -33.03
N LYS A 102 1.01 12.91 -32.24
CA LYS A 102 0.26 11.77 -31.82
C LYS A 102 -1.03 12.14 -31.07
N ILE A 103 -0.97 13.11 -30.15
CA ILE A 103 -2.14 13.39 -29.35
C ILE A 103 -3.15 14.20 -30.19
N LYS A 104 -2.68 15.24 -30.90
CA LYS A 104 -3.55 16.11 -31.68
C LYS A 104 -4.27 15.31 -32.77
N GLU A 105 -3.55 14.39 -33.41
CA GLU A 105 -4.18 13.56 -34.46
C GLU A 105 -5.25 12.66 -33.88
N THR A 106 -5.03 12.20 -32.65
CA THR A 106 -6.02 11.38 -31.98
C THR A 106 -7.25 12.21 -31.60
N ARG A 107 -7.03 13.45 -31.14
CA ARG A 107 -8.12 14.39 -30.89
C ARG A 107 -9.01 14.50 -32.12
N ASP A 108 -8.37 14.68 -33.26
CA ASP A 108 -9.09 14.99 -34.48
C ASP A 108 -9.84 13.73 -34.98
N LYS A 109 -9.24 12.57 -34.83
CA LYS A 109 -9.88 11.30 -35.23
C LYS A 109 -11.13 11.02 -34.42
N ILE A 110 -11.04 11.27 -33.09
CA ILE A 110 -12.18 11.08 -32.23
C ILE A 110 -13.30 12.09 -32.56
N GLN A 111 -12.95 13.33 -32.85
CA GLN A 111 -13.94 14.36 -33.20
C GLN A 111 -14.72 13.91 -34.48
N ASP A 112 -13.95 13.42 -35.42
CA ASP A 112 -14.50 12.89 -36.68
C ASP A 112 -15.48 11.70 -36.43
N ILE A 113 -15.09 10.75 -35.56
CA ILE A 113 -15.97 9.70 -35.16
C ILE A 113 -17.24 10.23 -34.48
N ASN A 114 -17.14 11.21 -33.63
CA ASN A 114 -18.29 11.71 -32.96
C ASN A 114 -19.30 12.38 -33.94
N GLU A 115 -18.75 13.02 -34.95
CA GLU A 115 -19.57 13.64 -36.03
C GLU A 115 -20.36 12.55 -36.80
N THR A 116 -19.70 11.46 -37.13
CA THR A 116 -20.31 10.32 -37.81
C THR A 116 -21.32 9.67 -36.91
N ILE A 117 -21.01 9.46 -35.62
CA ILE A 117 -22.00 8.97 -34.72
C ILE A 117 -23.26 9.84 -34.71
N GLU A 118 -23.08 11.15 -34.63
CA GLU A 118 -24.19 12.03 -34.50
C GLU A 118 -25.04 12.05 -35.81
N ASN A 119 -24.41 12.03 -36.96
CA ASN A 119 -25.07 12.24 -38.24
C ASN A 119 -25.49 10.99 -38.95
N PHE A 120 -24.83 9.87 -38.68
CA PHE A 120 -25.09 8.58 -39.34
C PHE A 120 -25.30 7.41 -38.39
N GLY A 121 -24.88 7.55 -37.13
CA GLY A 121 -25.03 6.48 -36.14
C GLY A 121 -23.82 5.64 -35.90
N TYR A 122 -23.92 4.79 -34.87
CA TYR A 122 -22.81 3.97 -34.39
C TYR A 122 -22.33 2.93 -35.40
N ALA A 123 -23.26 2.22 -36.04
CA ALA A 123 -22.80 1.27 -37.03
C ALA A 123 -22.00 1.91 -38.13
N ALA A 124 -22.45 3.07 -38.62
CA ALA A 124 -21.71 3.81 -39.63
C ALA A 124 -20.26 4.16 -39.18
N ALA A 125 -20.11 4.45 -37.88
CA ALA A 125 -18.81 4.84 -37.33
C ALA A 125 -17.92 3.64 -37.02
N LYS A 126 -18.41 2.40 -37.14
CA LYS A 126 -17.59 1.25 -36.78
C LYS A 126 -16.23 1.21 -37.40
N ASP A 127 -16.13 1.42 -38.72
CA ASP A 127 -14.81 1.36 -39.33
C ASP A 127 -13.85 2.37 -38.73
N ASP A 128 -14.32 3.59 -38.52
CA ASP A 128 -13.42 4.65 -38.11
C ASP A 128 -13.04 4.38 -36.62
N TYR A 129 -13.96 3.81 -35.88
CA TYR A 129 -13.65 3.45 -34.47
C TYR A 129 -12.59 2.38 -34.43
N ILE A 130 -12.73 1.36 -35.28
CA ILE A 130 -11.71 0.32 -35.35
C ILE A 130 -10.38 0.92 -35.75
N GLY A 131 -10.37 1.83 -36.68
CA GLY A 131 -9.20 2.58 -37.07
C GLY A 131 -8.54 3.37 -35.91
N LEU A 132 -9.40 4.00 -35.11
CA LEU A 132 -8.94 4.73 -33.93
C LEU A 132 -8.17 3.76 -33.03
N VAL A 133 -8.71 2.59 -32.76
CA VAL A 133 -8.10 1.68 -31.80
C VAL A 133 -6.81 1.17 -32.42
N THR A 134 -6.89 0.71 -33.68
CA THR A 134 -5.74 0.03 -34.27
C THR A 134 -4.56 0.95 -34.73
N HIS A 135 -4.81 2.14 -35.24
CA HIS A 135 -3.79 3.03 -35.76
C HIS A 135 -3.42 4.15 -34.84
N TYR A 136 -4.20 4.39 -33.78
CA TYR A 136 -3.92 5.57 -32.93
C TYR A 136 -3.67 5.06 -31.47
N LEU A 137 -4.60 4.30 -30.95
CA LEU A 137 -4.58 3.97 -29.50
C LEU A 137 -3.60 2.86 -29.11
N ILE A 138 -3.61 1.76 -29.84
CA ILE A 138 -2.70 0.67 -29.48
C ILE A 138 -1.25 1.16 -29.60
N GLY A 139 -0.47 0.94 -28.55
CA GLY A 139 0.90 1.42 -28.53
C GLY A 139 1.12 2.87 -28.10
N LEU A 140 0.03 3.63 -27.93
CA LEU A 140 0.19 5.04 -27.71
C LEU A 140 0.93 5.36 -26.39
N GLU A 141 0.77 4.50 -25.43
CA GLU A 141 1.37 4.65 -24.09
C GLU A 141 2.89 4.61 -24.14
N GLU A 142 3.45 3.97 -25.18
CA GLU A 142 4.91 3.82 -25.21
C GLU A 142 5.60 5.13 -25.34
N ASN A 143 4.93 6.15 -25.89
CA ASN A 143 5.51 7.45 -25.97
C ASN A 143 5.93 8.08 -24.64
N PHE A 144 5.34 7.60 -23.56
CA PHE A 144 5.62 8.20 -22.25
C PHE A 144 6.15 7.16 -21.27
N LYS A 145 6.69 6.05 -21.75
CA LYS A 145 7.33 5.05 -20.88
C LYS A 145 8.85 5.15 -21.01
N ARG A 146 9.58 4.80 -19.95
CA ARG A 146 11.03 4.69 -20.03
C ARG A 146 11.40 3.32 -19.53
N GLU A 147 12.65 2.91 -19.73
CA GLU A 147 13.17 1.68 -19.08
C GLU A 147 13.27 1.78 -17.58
N LEU A 148 12.85 0.75 -16.87
CA LEU A 148 12.99 0.82 -15.43
C LEU A 148 14.33 0.15 -15.11
N ASP A 149 15.38 0.97 -15.16
CA ASP A 149 16.74 0.49 -14.96
C ASP A 149 17.44 1.12 -13.72
N GLY A 150 16.67 1.58 -12.72
CA GLY A 150 17.32 2.17 -11.51
C GLY A 150 17.82 3.61 -11.66
N ASP A 151 17.59 4.21 -12.85
CA ASP A 151 17.86 5.63 -13.17
C ASP A 151 16.56 6.17 -13.87
N GLU A 152 15.47 6.19 -13.10
CA GLU A 152 14.09 6.23 -13.62
C GLU A 152 13.48 7.67 -13.40
N TRP A 153 14.32 8.65 -13.13
CA TRP A 153 13.81 10.02 -12.88
C TRP A 153 12.93 10.56 -14.02
N LEU A 154 13.41 10.41 -15.27
CA LEU A 154 12.63 10.90 -16.38
C LEU A 154 11.27 10.17 -16.48
N GLY A 155 11.24 8.87 -16.20
CA GLY A 155 10.05 8.12 -16.16
C GLY A 155 9.05 8.65 -15.12
N TYR A 156 9.58 8.97 -13.95
CA TYR A 156 8.78 9.62 -12.92
C TYR A 156 8.22 10.94 -13.39
N ALA A 157 9.07 11.77 -13.95
CA ALA A 157 8.63 13.09 -14.37
C ALA A 157 7.51 13.07 -15.39
N ILE A 158 7.57 12.12 -16.35
CA ILE A 158 6.54 12.05 -17.40
C ILE A 158 5.38 11.10 -17.07
N LEU A 159 5.38 10.50 -15.88
CA LEU A 159 4.28 9.64 -15.41
C LEU A 159 2.88 10.24 -15.64
N PRO A 160 2.69 11.54 -15.33
CA PRO A 160 1.34 12.06 -15.52
C PRO A 160 0.90 11.99 -16.98
N LEU A 161 1.86 12.15 -17.90
CA LEU A 161 1.56 12.07 -19.34
C LEU A 161 1.21 10.65 -19.71
N LEU A 162 1.95 9.72 -19.15
CA LEU A 162 1.63 8.31 -19.37
C LEU A 162 0.24 7.97 -18.87
N ALA A 163 -0.07 8.35 -17.62
CA ALA A 163 -1.32 8.05 -17.04
C ALA A 163 -2.51 8.61 -17.85
N THR A 164 -2.42 9.88 -18.26
CA THR A 164 -3.43 10.50 -19.08
C THR A 164 -3.68 9.71 -20.36
N THR A 165 -2.59 9.29 -20.97
CA THR A 165 -2.64 8.58 -22.21
C THR A 165 -3.31 7.23 -22.01
N VAL A 166 -2.91 6.48 -20.98
CA VAL A 166 -3.55 5.20 -20.69
C VAL A 166 -5.04 5.34 -20.35
N SER A 167 -5.37 6.39 -19.62
CA SER A 167 -6.75 6.70 -19.37
C SER A 167 -7.55 6.93 -20.67
N LEU A 168 -6.97 7.65 -21.61
CA LEU A 168 -7.59 7.79 -22.95
C LEU A 168 -7.75 6.48 -23.66
N GLN A 169 -6.68 5.68 -23.69
CA GLN A 169 -6.74 4.40 -24.39
C GLN A 169 -7.75 3.48 -23.77
N ILE A 170 -7.69 3.31 -22.43
CA ILE A 170 -8.57 2.34 -21.79
C ILE A 170 -9.99 2.77 -21.89
N THR A 171 -10.29 4.07 -21.71
CA THR A 171 -11.71 4.43 -21.74
C THR A 171 -12.32 4.28 -23.19
N TYR A 172 -11.57 4.67 -24.19
CA TYR A 172 -12.01 4.60 -25.61
C TYR A 172 -12.13 3.17 -26.05
N MET A 173 -11.18 2.32 -25.68
CA MET A 173 -11.35 0.88 -25.89
C MET A 173 -12.58 0.32 -25.20
N ALA A 174 -12.82 0.70 -23.97
CA ALA A 174 -13.95 0.17 -23.23
C ALA A 174 -15.29 0.63 -23.82
N CYS A 175 -15.29 1.81 -24.40
CA CYS A 175 -16.53 2.35 -25.07
C CYS A 175 -17.03 1.38 -26.10
N GLY A 176 -16.14 0.70 -26.76
CA GLY A 176 -16.51 -0.26 -27.80
C GLY A 176 -17.25 -1.45 -27.19
N LEU A 177 -16.97 -1.74 -25.93
CA LEU A 177 -17.73 -2.74 -25.20
C LEU A 177 -19.13 -2.29 -24.80
N ASP A 178 -19.27 -1.10 -24.19
CA ASP A 178 -20.57 -0.61 -23.82
C ASP A 178 -21.50 -0.49 -25.04
N TYR A 179 -20.93 -0.08 -26.15
CA TYR A 179 -21.69 0.18 -27.38
C TYR A 179 -21.56 -0.96 -28.37
N LYS A 180 -21.21 -2.14 -27.89
CA LYS A 180 -20.93 -3.23 -28.82
C LYS A 180 -22.11 -3.54 -29.77
N ASP A 181 -23.31 -3.43 -29.27
CA ASP A 181 -24.49 -3.76 -30.09
C ASP A 181 -24.79 -2.63 -31.07
N GLU A 182 -24.51 -1.39 -30.66
CA GLU A 182 -24.74 -0.24 -31.51
C GLU A 182 -23.74 -0.23 -32.66
N PHE A 183 -22.45 -0.42 -32.37
CA PHE A 183 -21.45 -0.51 -33.37
C PHE A 183 -21.63 -1.75 -34.29
N GLY A 184 -22.13 -2.83 -33.74
CA GLY A 184 -22.29 -4.09 -34.46
C GLY A 184 -21.08 -4.97 -34.39
N PHE A 185 -20.38 -4.96 -33.25
CA PHE A 185 -19.28 -5.89 -33.04
C PHE A 185 -19.72 -7.35 -32.78
N THR A 186 -18.92 -8.25 -33.28
CA THR A 186 -19.04 -9.68 -32.95
C THR A 186 -18.30 -10.01 -31.69
N ASP A 187 -18.57 -11.22 -31.18
CA ASP A 187 -17.94 -11.70 -29.97
C ASP A 187 -16.43 -11.66 -30.14
N SER A 188 -15.95 -11.94 -31.33
CA SER A 188 -14.52 -11.88 -31.59
C SER A 188 -13.97 -10.47 -31.43
N ASP A 189 -14.73 -9.49 -31.95
CA ASP A 189 -14.29 -8.09 -31.88
C ASP A 189 -14.20 -7.73 -30.40
N VAL A 190 -15.24 -8.11 -29.64
CA VAL A 190 -15.35 -7.86 -28.22
C VAL A 190 -14.15 -8.43 -27.46
N HIS A 191 -13.76 -9.64 -27.81
CA HIS A 191 -12.73 -10.32 -27.09
C HIS A 191 -11.39 -9.66 -27.38
N LYS A 192 -11.22 -9.12 -28.58
CA LYS A 192 -10.00 -8.40 -28.92
C LYS A 192 -9.90 -7.10 -28.13
N LEU A 193 -11.00 -6.38 -27.99
CA LEU A 193 -10.95 -5.14 -27.20
C LEU A 193 -10.64 -5.51 -25.74
N THR A 194 -11.34 -6.48 -25.19
CA THR A 194 -11.12 -6.91 -23.82
C THR A 194 -9.67 -7.31 -23.57
N ARG A 195 -9.08 -8.05 -24.49
CA ARG A 195 -7.69 -8.44 -24.37
C ARG A 195 -6.72 -7.25 -24.41
N ASN A 196 -6.99 -6.30 -25.29
CA ASN A 196 -6.23 -5.06 -25.31
C ASN A 196 -6.32 -4.27 -24.04
N ILE A 197 -7.49 -4.23 -23.41
CA ILE A 197 -7.60 -3.53 -22.10
C ILE A 197 -6.82 -4.28 -21.03
N ASP A 198 -7.02 -5.60 -21.01
CA ASP A 198 -6.35 -6.43 -20.02
C ASP A 198 -4.85 -6.24 -20.11
N LYS A 199 -4.33 -6.36 -21.32
CA LYS A 199 -2.92 -6.35 -21.51
C LYS A 199 -2.33 -4.98 -21.11
N LEU A 200 -3.01 -3.93 -21.54
CA LEU A 200 -2.51 -2.58 -21.22
C LEU A 200 -2.55 -2.37 -19.73
N TYR A 201 -3.65 -2.69 -19.08
CA TYR A 201 -3.79 -2.56 -17.64
C TYR A 201 -2.66 -3.31 -16.94
N ASP A 202 -2.47 -4.56 -17.31
CA ASP A 202 -1.49 -5.40 -16.59
C ASP A 202 -0.11 -4.84 -16.75
N ASP A 203 0.23 -4.38 -17.95
CA ASP A 203 1.55 -3.89 -18.20
C ASP A 203 1.80 -2.58 -17.45
N VAL A 204 0.85 -1.65 -17.58
CA VAL A 204 1.07 -0.33 -17.00
C VAL A 204 0.95 -0.31 -15.49
N SER A 205 0.05 -1.11 -14.93
CA SER A 205 -0.06 -1.16 -13.45
C SER A 205 1.25 -1.66 -12.85
N SER A 206 1.84 -2.72 -13.42
CA SER A 206 3.17 -3.22 -12.99
C SER A 206 4.24 -2.15 -13.08
N TYR A 207 4.31 -1.48 -14.24
CA TYR A 207 5.23 -0.42 -14.50
C TYR A 207 5.13 0.71 -13.43
N ILE A 208 3.92 1.22 -13.22
CA ILE A 208 3.75 2.29 -12.28
C ILE A 208 4.07 1.87 -10.85
N THR A 209 3.72 0.64 -10.52
CA THR A 209 4.02 0.14 -9.18
C THR A 209 5.49 0.09 -8.91
N GLU A 210 6.24 -0.40 -9.87
CA GLU A 210 7.69 -0.46 -9.75
C GLU A 210 8.31 0.93 -9.71
N LEU A 211 7.89 1.82 -10.62
CA LEU A 211 8.33 3.21 -10.64
C LEU A 211 8.16 3.90 -9.30
N ALA A 212 6.99 3.71 -8.69
CA ALA A 212 6.68 4.31 -7.39
C ALA A 212 7.59 3.78 -6.30
N ALA A 213 7.85 2.47 -6.30
CA ALA A 213 8.80 1.92 -5.35
C ALA A 213 10.19 2.47 -5.52
N TRP A 214 10.65 2.62 -6.76
CA TRP A 214 11.96 3.19 -7.05
C TRP A 214 11.98 4.61 -6.53
N ALA A 215 10.90 5.36 -6.78
CA ALA A 215 10.86 6.73 -6.35
C ALA A 215 10.81 6.91 -4.85
N ASP A 216 10.13 5.99 -4.17
CA ASP A 216 10.12 5.99 -2.71
C ASP A 216 11.58 5.91 -2.21
N ASN A 217 12.40 5.04 -2.80
CA ASN A 217 13.73 4.81 -2.31
C ASN A 217 14.68 5.95 -2.76
N ASP A 218 14.53 6.40 -4.01
CA ASP A 218 15.41 7.44 -4.56
C ASP A 218 15.21 8.77 -3.85
N SER A 219 13.93 9.11 -3.59
CA SER A 219 13.63 10.31 -2.82
C SER A 219 14.27 10.29 -1.46
N TYR A 220 14.16 9.18 -0.77
CA TYR A 220 14.82 9.04 0.51
C TYR A 220 16.32 9.14 0.42
N ASN A 221 16.89 8.45 -0.55
CA ASN A 221 18.37 8.45 -0.71
C ASN A 221 18.93 9.85 -0.93
N ASN A 222 18.21 10.72 -1.55
CA ASN A 222 18.71 12.04 -1.88
C ASN A 222 18.27 13.12 -0.90
N ALA A 223 17.55 12.73 0.14
CA ALA A 223 17.03 13.69 1.12
C ALA A 223 18.01 13.92 2.27
N ASN A 224 17.71 14.89 3.13
CA ASN A 224 18.32 15.03 4.45
C ASN A 224 17.24 15.14 5.52
N GLN A 225 17.65 15.29 6.79
CA GLN A 225 16.63 15.37 7.85
C GLN A 225 15.69 16.53 7.73
N ASP A 226 16.16 17.62 7.13
CA ASP A 226 15.28 18.77 7.02
C ASP A 226 14.21 18.60 5.96
N ASN A 227 14.47 17.81 4.90
CA ASN A 227 13.53 17.72 3.82
C ASN A 227 13.01 16.34 3.50
N VAL A 228 13.32 15.35 4.32
CA VAL A 228 12.92 13.95 4.01
C VAL A 228 11.39 13.80 3.98
N TYR A 229 10.67 14.47 4.86
CA TYR A 229 9.21 14.43 4.73
C TYR A 229 8.74 14.94 3.41
N ASP A 230 9.15 16.16 3.04
CA ASP A 230 8.73 16.68 1.81
C ASP A 230 9.11 15.82 0.58
N GLU A 231 10.28 15.22 0.63
CA GLU A 231 10.77 14.44 -0.53
C GLU A 231 9.99 13.11 -0.68
N VAL A 232 9.99 12.34 0.41
CA VAL A 232 9.38 11.03 0.36
C VAL A 232 7.87 11.19 0.21
N MET A 233 7.23 12.02 1.03
CA MET A 233 5.79 12.17 0.92
C MET A 233 5.40 12.77 -0.43
N GLY A 234 6.25 13.61 -0.98
CA GLY A 234 6.06 14.14 -2.30
C GLY A 234 6.08 13.08 -3.40
N ALA A 235 7.08 12.22 -3.34
CA ALA A 235 7.17 11.08 -4.29
C ALA A 235 5.91 10.21 -4.24
N ARG A 236 5.44 9.98 -3.02
CA ARG A 236 4.29 9.19 -2.80
C ARG A 236 3.06 9.85 -3.39
N SER A 237 2.92 11.15 -3.18
CA SER A 237 1.75 11.89 -3.61
C SER A 237 1.69 11.99 -5.12
N TRP A 238 2.85 12.25 -5.74
CA TRP A 238 2.93 12.33 -7.20
C TRP A 238 2.50 10.99 -7.81
N CYS A 239 3.01 9.88 -7.26
CA CYS A 239 2.63 8.59 -7.76
C CYS A 239 1.17 8.22 -7.53
N THR A 240 0.60 8.68 -6.43
CA THR A 240 -0.81 8.51 -6.17
C THR A 240 -1.70 9.32 -7.10
N VAL A 241 -1.45 10.60 -7.24
CA VAL A 241 -2.29 11.47 -8.05
C VAL A 241 -2.12 11.10 -9.54
N HIS A 242 -0.88 10.89 -9.97
CA HIS A 242 -0.62 10.73 -11.38
C HIS A 242 -0.42 9.33 -11.80
N GLY A 243 -0.77 8.41 -10.90
CA GLY A 243 -0.57 6.99 -11.17
C GLY A 243 -1.66 6.17 -10.54
N PHE A 244 -1.62 5.94 -9.22
CA PHE A 244 -2.58 5.04 -8.63
C PHE A 244 -4.04 5.48 -8.74
N GLU A 245 -4.34 6.80 -8.70
CA GLU A 245 -5.72 7.26 -8.84
C GLU A 245 -6.30 6.92 -10.21
N HIS A 246 -5.45 6.88 -11.24
CA HIS A 246 -5.85 6.45 -12.57
C HIS A 246 -6.03 4.97 -12.57
N MET A 247 -5.01 4.25 -12.07
CA MET A 247 -5.11 2.80 -12.00
C MET A 247 -6.37 2.27 -11.35
N LEU A 248 -6.84 2.91 -10.31
CA LEU A 248 -8.06 2.43 -9.60
C LEU A 248 -9.25 2.38 -10.58
N ILE A 249 -9.31 3.37 -11.45
CA ILE A 249 -10.39 3.48 -12.44
C ILE A 249 -10.17 2.43 -13.53
N TRP A 250 -8.95 2.30 -14.01
CA TRP A 250 -8.64 1.36 -15.06
C TRP A 250 -8.93 -0.04 -14.56
N GLN A 251 -8.58 -0.31 -13.31
CA GLN A 251 -8.86 -1.63 -12.77
C GLN A 251 -10.38 -2.01 -12.77
N LYS A 252 -11.24 -1.06 -12.40
CA LYS A 252 -12.68 -1.28 -12.38
C LYS A 252 -13.15 -1.56 -13.81
N ILE A 253 -12.66 -0.79 -14.76
CA ILE A 253 -13.01 -1.00 -16.19
C ILE A 253 -12.54 -2.39 -16.67
N LYS A 254 -11.32 -2.79 -16.32
CA LYS A 254 -10.87 -4.16 -16.62
C LYS A 254 -11.81 -5.22 -16.00
N GLU A 255 -12.20 -5.03 -14.73
CA GLU A 255 -12.92 -6.02 -14.04
C GLU A 255 -14.38 -6.14 -14.60
N LEU A 256 -14.99 -5.03 -14.90
CA LEU A 256 -16.40 -4.99 -15.33
C LEU A 256 -16.56 -5.06 -16.83
N LYS A 257 -15.47 -4.87 -17.58
CA LYS A 257 -15.49 -4.96 -19.06
C LYS A 257 -16.53 -3.95 -19.61
N LYS A 258 -16.49 -2.75 -19.06
CA LYS A 258 -17.27 -1.64 -19.60
C LYS A 258 -16.66 -0.33 -19.13
N VAL A 259 -16.98 0.76 -19.82
CA VAL A 259 -16.49 2.07 -19.41
C VAL A 259 -17.40 2.68 -18.32
N ASP A 260 -18.66 2.25 -18.25
CA ASP A 260 -19.65 2.85 -17.38
C ASP A 260 -19.58 2.13 -16.05
N VAL A 261 -18.87 2.72 -15.11
CA VAL A 261 -18.54 2.06 -13.85
C VAL A 261 -18.72 3.04 -12.71
N PHE A 262 -18.69 2.52 -11.48
CA PHE A 262 -18.69 3.34 -10.32
C PHE A 262 -17.47 2.98 -9.48
N VAL A 263 -16.76 4.02 -9.07
CA VAL A 263 -15.50 3.88 -8.28
C VAL A 263 -15.52 4.94 -7.21
N HIS A 264 -15.29 4.60 -5.94
CA HIS A 264 -15.20 5.65 -4.90
C HIS A 264 -13.77 5.60 -4.36
N SER A 265 -12.98 6.60 -4.72
CA SER A 265 -11.55 6.57 -4.45
C SER A 265 -11.24 6.72 -2.96
N ASN A 266 -10.47 5.80 -2.43
CA ASN A 266 -10.01 5.97 -1.08
C ASN A 266 -8.52 6.33 -0.98
N LEU A 267 -7.90 6.68 -2.12
CA LEU A 267 -6.45 6.97 -2.09
C LEU A 267 -6.19 8.34 -1.45
N ILE A 268 -5.14 8.39 -0.66
CA ILE A 268 -4.73 9.56 0.08
C ILE A 268 -3.38 10.08 -0.45
N SER A 269 -3.28 11.39 -0.70
CA SER A 269 -2.04 12.03 -1.04
C SER A 269 -1.73 13.14 0.03
N TYR A 270 -0.61 13.83 -0.11
CA TYR A 270 -0.07 14.59 1.00
C TYR A 270 0.49 15.93 0.54
N SER A 271 0.24 16.99 1.30
CA SER A 271 0.88 18.28 1.06
C SER A 271 2.34 18.23 1.45
N PRO A 272 3.12 19.25 1.03
CA PRO A 272 4.37 19.50 1.70
C PRO A 272 4.09 20.02 3.11
N ALA A 273 5.07 19.91 3.98
CA ALA A 273 4.92 20.42 5.34
C ALA A 273 5.22 21.92 5.38
N VAL A 274 4.69 22.60 6.40
CA VAL A 274 4.99 24.02 6.68
C VAL A 274 5.59 24.05 8.06
N GLY A 275 6.66 24.82 8.24
CA GLY A 275 7.15 25.06 9.57
C GLY A 275 8.53 24.50 9.76
N PHE A 276 8.84 24.07 10.96
CA PHE A 276 10.21 23.72 11.32
C PHE A 276 10.37 22.23 11.30
N PRO A 277 11.54 21.73 10.88
CA PRO A 277 11.68 20.26 10.78
C PRO A 277 11.31 19.46 12.01
N SER A 278 10.54 18.37 11.83
CA SER A 278 9.95 17.55 12.91
C SER A 278 10.40 16.09 12.85
N GLY A 279 10.90 15.54 13.95
CA GLY A 279 11.21 14.11 13.99
C GLY A 279 9.99 13.28 13.86
N ASN A 280 8.86 13.77 14.37
CA ASN A 280 7.61 13.02 14.28
C ASN A 280 7.14 12.95 12.82
N PHE A 281 7.21 14.08 12.10
CA PHE A 281 6.90 14.03 10.66
C PHE A 281 7.85 13.06 9.93
N ASN A 282 9.12 13.16 10.25
CA ASN A 282 10.10 12.32 9.57
C ASN A 282 9.84 10.85 9.81
N TYR A 283 9.36 10.51 10.99
CA TYR A 283 9.05 9.10 11.37
C TYR A 283 7.95 8.55 10.44
N ILE A 284 6.99 9.39 10.06
CA ILE A 284 5.90 8.99 9.13
C ILE A 284 6.48 8.82 7.72
N ALA A 285 7.38 9.71 7.35
CA ALA A 285 7.98 9.64 6.04
C ALA A 285 8.87 8.44 5.84
N THR A 286 9.57 8.01 6.89
CA THR A 286 10.58 6.96 6.78
C THR A 286 9.98 5.60 7.06
N GLY A 287 8.69 5.57 7.44
CA GLY A 287 7.95 4.31 7.56
C GLY A 287 7.15 4.07 6.28
N THR A 288 6.29 3.09 6.25
CA THR A 288 5.60 2.72 5.05
C THR A 288 4.31 3.49 4.96
N GLU A 289 3.81 3.62 3.76
CA GLU A 289 2.56 4.29 3.52
C GLU A 289 1.39 3.56 4.17
N ASP A 290 1.48 2.23 4.17
CA ASP A 290 0.45 1.33 4.76
C ASP A 290 0.26 1.63 6.22
N GLU A 291 1.29 2.13 6.92
CA GLU A 291 1.15 2.31 8.37
C GLU A 291 0.93 3.77 8.81
N ILE A 292 0.67 4.68 7.86
CA ILE A 292 0.41 6.09 8.26
C ILE A 292 -0.93 6.12 8.98
N PRO A 293 -1.00 6.66 10.20
CA PRO A 293 -2.22 6.65 10.99
C PRO A 293 -2.97 7.98 10.91
N GLN A 294 -4.13 8.01 11.53
CA GLN A 294 -4.77 9.32 11.86
C GLN A 294 -3.87 10.05 12.79
N PRO A 295 -3.93 11.41 12.79
CA PRO A 295 -4.86 12.26 12.07
C PRO A 295 -4.47 12.55 10.60
N LEU A 296 -3.24 12.27 10.21
CA LEU A 296 -2.84 12.61 8.82
C LEU A 296 -3.66 11.84 7.82
N LYS A 297 -3.72 10.51 7.98
CA LYS A 297 -4.32 9.66 7.00
C LYS A 297 -5.59 9.07 7.62
N PRO A 298 -6.75 9.32 7.01
CA PRO A 298 -8.02 8.85 7.66
C PRO A 298 -8.13 7.35 7.56
N ASN A 299 -8.63 6.74 8.64
CA ASN A 299 -8.91 5.29 8.59
C ASN A 299 -9.93 4.97 7.53
N MET A 300 -9.98 3.72 7.05
CA MET A 300 -11.17 3.26 6.36
C MET A 300 -12.33 3.19 7.38
N PHE A 301 -13.51 3.49 6.87
CA PHE A 301 -14.75 3.40 7.66
C PHE A 301 -15.74 2.75 6.70
N GLY A 302 -15.85 1.41 6.75
CA GLY A 302 -16.58 0.67 5.69
C GLY A 302 -15.98 0.77 4.29
N GLU A 303 -16.75 1.30 3.32
CA GLU A 303 -16.28 1.36 1.93
C GLU A 303 -15.67 2.67 1.59
N ARG A 304 -15.54 3.57 2.56
CA ARG A 304 -14.99 4.93 2.36
C ARG A 304 -14.12 5.31 3.56
N ARG A 305 -13.51 6.48 3.50
CA ARG A 305 -12.65 6.96 4.51
C ARG A 305 -13.46 7.63 5.64
N ASN A 306 -12.90 7.58 6.83
CA ASN A 306 -13.49 8.13 8.05
C ASN A 306 -13.48 9.68 7.89
N ARG A 307 -14.63 10.29 7.90
CA ARG A 307 -14.75 11.78 7.79
C ARG A 307 -14.61 12.54 9.06
N ILE A 308 -13.83 13.64 9.00
CA ILE A 308 -13.81 14.62 10.09
C ILE A 308 -15.20 15.25 10.13
N VAL A 309 -15.77 15.34 11.31
CA VAL A 309 -17.07 16.00 11.49
C VAL A 309 -16.95 17.26 12.30
N LYS A 310 -15.91 17.43 13.06
CA LYS A 310 -15.75 18.59 13.93
C LYS A 310 -14.28 18.88 14.07
N ILE A 311 -13.93 20.19 14.07
CA ILE A 311 -12.63 20.68 14.43
C ILE A 311 -12.73 21.59 15.62
N GLU A 312 -11.85 21.39 16.59
CA GLU A 312 -11.72 22.26 17.77
C GLU A 312 -10.32 22.78 17.75
N SER A 313 -10.13 24.03 18.23
CA SER A 313 -8.84 24.62 18.27
C SER A 313 -8.61 25.45 19.48
N TRP A 314 -7.35 25.66 19.82
CA TRP A 314 -6.89 26.61 20.81
C TRP A 314 -5.80 27.45 20.24
N ASN A 315 -5.84 28.76 20.49
CA ASN A 315 -4.68 29.54 20.25
C ASN A 315 -3.64 29.39 21.36
N SER A 316 -2.39 29.66 21.07
CA SER A 316 -1.34 29.54 22.00
C SER A 316 -1.25 30.73 22.90
N ILE A 317 -0.44 30.55 23.92
CA ILE A 317 0.12 31.66 24.68
C ILE A 317 0.59 32.79 23.79
N GLU A 318 0.36 34.03 24.20
CA GLU A 318 0.82 35.16 23.43
C GLU A 318 2.36 35.10 23.38
N ILE A 319 2.91 35.23 22.17
CA ILE A 319 4.37 35.24 21.94
C ILE A 319 4.64 36.44 21.10
N HIS A 320 5.43 37.39 21.63
CA HIS A 320 5.75 38.63 20.92
C HIS A 320 4.48 39.29 20.37
N TYR A 321 3.51 39.46 21.26
CA TYR A 321 2.23 40.14 21.04
C TYR A 321 1.16 39.38 20.26
N TYR A 322 1.46 38.16 19.76
CA TYR A 322 0.56 37.45 18.94
C TYR A 322 0.36 36.04 19.47
N ASN A 323 -0.89 35.62 19.53
CA ASN A 323 -1.25 34.24 19.85
C ASN A 323 -1.10 33.44 18.58
N ARG A 324 -0.44 32.32 18.71
CA ARG A 324 -0.20 31.44 17.56
C ARG A 324 -1.11 30.24 17.60
N VAL A 325 -0.90 29.28 16.72
CA VAL A 325 -1.69 28.05 16.75
C VAL A 325 -1.25 27.20 17.98
N GLY A 326 -2.18 26.94 18.90
CA GLY A 326 -1.82 26.20 20.12
C GLY A 326 -1.89 24.68 19.90
N ARG A 327 -3.07 24.21 19.51
CA ARG A 327 -3.35 22.83 19.22
C ARG A 327 -4.65 22.69 18.60
N LEU A 328 -4.92 21.51 18.05
CA LEU A 328 -6.13 21.23 17.40
C LEU A 328 -6.70 19.91 17.92
N LYS A 329 -7.96 19.67 17.64
CA LYS A 329 -8.60 18.40 18.03
C LYS A 329 -9.64 18.05 17.02
N LEU A 330 -9.53 16.85 16.42
CA LEU A 330 -10.47 16.40 15.42
C LEU A 330 -11.43 15.35 15.96
N THR A 331 -12.65 15.45 15.57
CA THR A 331 -13.67 14.42 15.81
C THR A 331 -14.11 13.85 14.52
N TYR A 332 -14.18 12.52 14.45
CA TYR A 332 -14.53 11.82 13.26
C TYR A 332 -15.91 11.18 13.34
N GLU A 333 -16.43 10.83 12.18
CA GLU A 333 -17.77 10.28 12.12
C GLU A 333 -17.91 8.92 12.85
N ASN A 334 -16.80 8.21 12.96
CA ASN A 334 -16.79 6.90 13.65
C ASN A 334 -16.68 7.10 15.15
N GLY A 335 -16.68 8.36 15.62
CA GLY A 335 -16.64 8.72 17.02
C GLY A 335 -15.27 8.98 17.64
N GLU A 336 -14.17 8.68 16.95
CA GLU A 336 -12.87 8.91 17.47
C GLU A 336 -12.58 10.40 17.62
N VAL A 337 -11.84 10.72 18.66
CA VAL A 337 -11.38 12.08 18.95
C VAL A 337 -9.88 12.05 18.99
N VAL A 338 -9.23 12.88 18.15
CA VAL A 338 -7.82 12.79 18.02
C VAL A 338 -7.19 14.16 18.31
N GLU A 339 -6.26 14.23 19.25
CA GLU A 339 -5.53 15.46 19.57
C GLU A 339 -4.37 15.68 18.66
N LEU A 340 -4.22 16.95 18.23
CA LEU A 340 -3.05 17.41 17.48
C LEU A 340 -2.32 18.44 18.30
N GLY A 341 -1.28 18.01 19.01
CA GLY A 341 -0.68 18.80 20.07
C GLY A 341 -1.42 18.51 21.38
N LYS A 342 -0.68 18.66 22.46
CA LYS A 342 -1.31 18.52 23.77
C LYS A 342 -1.58 19.86 24.39
N ALA A 343 -2.45 19.83 25.41
CA ALA A 343 -2.80 21.05 26.13
C ALA A 343 -1.62 21.67 26.87
N HIS A 344 -1.63 23.00 26.94
CA HIS A 344 -0.69 23.78 27.71
C HIS A 344 -1.49 24.83 28.50
N LYS A 345 -0.92 25.28 29.58
CA LYS A 345 -1.64 26.05 30.63
C LYS A 345 -2.18 27.34 30.11
N TYR A 346 -1.48 28.01 29.16
CA TYR A 346 -1.96 29.31 28.63
C TYR A 346 -2.64 29.24 27.22
N ASP A 347 -3.06 28.02 26.80
CA ASP A 347 -3.93 27.90 25.65
C ASP A 347 -5.11 28.82 25.86
N GLU A 348 -5.59 29.45 24.82
CA GLU A 348 -6.74 30.30 24.89
C GLU A 348 -7.56 30.32 23.62
N HIS A 349 -8.64 31.10 23.59
CA HIS A 349 -9.46 31.26 22.41
C HIS A 349 -9.95 29.93 21.82
N TYR A 350 -10.59 29.15 22.69
CA TYR A 350 -11.25 27.94 22.26
C TYR A 350 -12.28 28.19 21.18
N GLN A 351 -12.25 27.40 20.11
CA GLN A 351 -13.22 27.40 19.09
C GLN A 351 -13.58 26.04 18.64
N SER A 352 -14.74 25.91 18.03
CA SER A 352 -15.20 24.67 17.48
C SER A 352 -15.98 24.93 16.23
N ILE A 353 -15.95 24.01 15.28
CA ILE A 353 -16.80 24.10 14.12
C ILE A 353 -17.28 22.76 13.69
N GLU A 354 -18.55 22.65 13.35
CA GLU A 354 -19.08 21.43 12.79
C GLU A 354 -19.06 21.48 11.30
N LEU A 355 -18.58 20.43 10.67
CA LEU A 355 -18.53 20.46 9.25
C LEU A 355 -19.93 20.42 8.58
N ASN A 356 -20.88 19.73 9.21
CA ASN A 356 -22.21 19.62 8.74
C ASN A 356 -22.25 19.20 7.31
N GLY A 357 -21.44 18.20 6.95
CA GLY A 357 -21.50 17.67 5.60
C GLY A 357 -20.61 18.38 4.54
N ALA A 358 -20.03 19.51 4.88
CA ALA A 358 -19.14 20.23 3.99
C ALA A 358 -17.78 19.52 3.99
N TYR A 359 -16.93 19.92 3.09
CA TYR A 359 -15.51 19.47 3.13
C TYR A 359 -14.55 20.66 3.22
N ILE A 360 -13.32 20.35 3.63
CA ILE A 360 -12.24 21.33 3.67
C ILE A 360 -11.68 21.43 2.27
N LYS A 361 -11.80 22.59 1.65
CA LYS A 361 -11.35 22.74 0.31
C LYS A 361 -9.82 22.95 0.22
N TYR A 362 -9.32 23.80 1.09
CA TYR A 362 -7.90 24.17 1.19
C TYR A 362 -7.64 24.85 2.49
N VAL A 363 -6.37 24.94 2.88
CA VAL A 363 -5.97 25.73 4.01
C VAL A 363 -4.92 26.76 3.61
N ASP A 364 -4.85 27.89 4.33
CA ASP A 364 -3.78 28.86 4.21
C ASP A 364 -3.03 28.83 5.52
N VAL A 365 -1.74 28.82 5.43
CA VAL A 365 -0.88 28.71 6.58
C VAL A 365 0.16 29.81 6.63
N ILE A 366 0.38 30.44 7.79
CA ILE A 366 1.44 31.43 7.95
C ILE A 366 2.41 30.87 8.98
N ALA A 367 3.70 30.81 8.65
CA ALA A 367 4.67 30.38 9.66
C ALA A 367 5.53 31.57 9.95
N ASN A 368 6.05 31.63 11.19
CA ASN A 368 6.96 32.71 11.54
C ASN A 368 7.78 32.30 12.75
N GLY A 369 8.87 33.01 13.01
CA GLY A 369 9.61 32.71 14.27
C GLY A 369 8.70 33.10 15.44
N PRO A 370 8.93 32.52 16.63
CA PRO A 370 9.98 31.52 16.92
C PRO A 370 9.45 30.06 16.77
N GLU A 371 9.85 29.37 15.70
CA GLU A 371 9.41 28.00 15.41
C GLU A 371 7.89 27.84 15.61
N ALA A 372 7.14 28.75 15.01
CA ALA A 372 5.68 28.83 15.20
C ALA A 372 4.98 28.65 13.88
N ILE A 373 3.86 27.94 13.93
CA ILE A 373 2.79 28.11 12.90
C ILE A 373 1.93 29.23 13.53
N ASP A 374 1.97 30.41 12.90
CA ASP A 374 1.19 31.56 13.38
C ASP A 374 -0.29 31.37 13.25
N ARG A 375 -0.76 30.94 12.07
CA ARG A 375 -2.14 30.96 11.73
C ARG A 375 -2.43 29.92 10.72
N ILE A 376 -3.55 29.25 10.90
CA ILE A 376 -4.07 28.37 9.92
C ILE A 376 -5.50 28.79 9.62
N VAL A 377 -5.84 28.94 8.36
CA VAL A 377 -7.22 29.20 7.95
C VAL A 377 -7.77 28.04 7.14
N PHE A 378 -8.87 27.45 7.61
CA PHE A 378 -9.54 26.44 6.91
C PHE A 378 -10.69 27.03 6.07
N HIS A 379 -10.76 26.69 4.81
CA HIS A 379 -11.84 27.13 3.90
C HIS A 379 -12.70 25.99 3.51
N PHE A 380 -13.98 26.04 3.84
CA PHE A 380 -14.85 24.92 3.59
C PHE A 380 -15.67 25.09 2.36
N SER A 381 -16.26 24.01 1.88
CA SER A 381 -17.00 23.98 0.65
C SER A 381 -18.29 24.81 0.71
N ASP A 382 -18.77 25.13 1.90
CA ASP A 382 -20.09 25.77 2.06
C ASP A 382 -19.86 27.24 2.34
N ASP A 383 -18.66 27.70 1.97
CA ASP A 383 -18.23 29.10 2.09
C ASP A 383 -17.70 29.53 3.47
N ARG A 384 -17.91 28.71 4.50
CA ARG A 384 -17.47 29.07 5.79
C ARG A 384 -15.96 28.98 5.90
N THR A 385 -15.43 29.66 6.90
CA THR A 385 -14.02 29.65 7.25
C THR A 385 -13.83 29.39 8.73
N PHE A 386 -12.63 28.95 9.12
CA PHE A 386 -12.27 28.69 10.49
C PHE A 386 -10.82 29.10 10.61
N VAL A 387 -10.61 30.08 11.46
CA VAL A 387 -9.32 30.70 11.65
C VAL A 387 -8.73 30.40 12.99
N VAL A 388 -7.52 29.85 12.97
CA VAL A 388 -6.81 29.53 14.15
C VAL A 388 -5.50 30.30 14.19
N GLY A 389 -5.19 30.94 15.34
CA GLY A 389 -4.02 31.72 15.53
C GLY A 389 -4.17 33.10 14.88
N GLU A 390 -3.03 33.79 14.73
CA GLU A 390 -2.98 35.22 14.29
C GLU A 390 -1.78 35.43 13.41
N ASN A 391 -1.91 36.34 12.45
CA ASN A 391 -0.83 36.72 11.57
C ASN A 391 0.07 37.69 12.24
N SER A 392 1.33 37.30 12.51
CA SER A 392 2.28 38.21 13.13
C SER A 392 3.06 38.99 12.08
N GLY A 393 2.68 38.89 10.79
CA GLY A 393 3.23 39.81 9.75
C GLY A 393 4.06 39.07 8.74
N LYS A 394 3.59 37.89 8.28
CA LYS A 394 4.25 37.07 7.29
C LYS A 394 3.26 36.62 6.21
N PRO A 395 3.78 36.24 5.04
CA PRO A 395 2.83 35.80 4.01
C PRO A 395 2.28 34.39 4.28
N SER A 396 1.15 34.12 3.70
CA SER A 396 0.52 32.85 3.78
C SER A 396 0.89 31.96 2.58
N VAL A 397 0.90 30.66 2.82
CA VAL A 397 1.09 29.64 1.83
C VAL A 397 -0.19 28.83 1.78
N ARG A 398 -0.74 28.59 0.60
CA ARG A 398 -1.97 27.79 0.47
C ARG A 398 -1.56 26.36 0.28
N LEU A 399 -2.22 25.44 1.00
CA LEU A 399 -2.06 24.02 0.73
C LEU A 399 -3.33 23.52 0.11
N GLN A 400 -3.27 23.15 -1.16
CA GLN A 400 -4.39 22.76 -1.93
C GLN A 400 -3.91 21.79 -3.05
N LEU A 401 -4.76 20.84 -3.40
CA LEU A 401 -4.62 19.97 -4.54
C LEU A 401 -5.89 20.02 -5.33
N GLU A 402 -5.76 20.50 -6.59
CA GLU A 402 -6.90 20.66 -7.48
C GLU A 402 -7.74 19.41 -7.52
N GLY A 403 -9.07 19.56 -7.39
CA GLY A 403 -9.98 18.42 -7.62
C GLY A 403 -10.01 17.47 -6.40
N HIS A 404 -9.29 17.83 -5.33
CA HIS A 404 -9.19 17.01 -4.10
C HIS A 404 -9.47 17.85 -2.88
N PHE A 405 -9.97 17.20 -1.82
CA PHE A 405 -10.26 17.96 -0.59
C PHE A 405 -9.33 17.48 0.51
N ILE A 406 -9.30 18.21 1.60
CA ILE A 406 -8.41 17.89 2.71
C ILE A 406 -9.16 16.91 3.66
N CYS A 407 -8.56 15.72 3.86
CA CYS A 407 -9.17 14.63 4.63
C CYS A 407 -8.44 14.29 5.92
N GLY A 408 -7.34 14.95 6.19
CA GLY A 408 -6.49 14.75 7.35
C GLY A 408 -5.46 15.80 7.46
N MET A 409 -4.80 15.84 8.61
CA MET A 409 -3.77 16.79 8.88
C MET A 409 -2.92 16.36 10.06
N LEU A 410 -1.83 17.07 10.25
CA LEU A 410 -0.80 16.68 11.20
C LEU A 410 -0.13 17.90 11.75
N ALA A 411 0.10 17.86 13.07
CA ALA A 411 0.75 18.98 13.78
C ALA A 411 1.84 18.43 14.68
N ASP A 412 2.91 19.16 14.89
CA ASP A 412 3.85 18.82 15.94
C ASP A 412 4.22 20.07 16.67
N GLN A 413 3.99 20.11 17.99
CA GLN A 413 4.46 21.24 18.84
C GLN A 413 5.98 21.16 19.16
N GLU A 414 6.62 20.05 18.80
CA GLU A 414 8.08 19.95 18.93
C GLU A 414 8.56 20.31 20.35
N GLY A 415 7.84 19.79 21.31
CA GLY A 415 8.19 19.98 22.75
C GLY A 415 7.81 21.36 23.28
N SER A 416 7.19 22.21 22.47
CA SER A 416 6.85 23.56 22.85
C SER A 416 5.39 23.71 23.17
N ASP A 417 4.96 24.95 23.43
CA ASP A 417 3.58 25.23 23.76
C ASP A 417 2.68 25.71 22.59
N LYS A 418 3.22 25.59 21.36
CA LYS A 418 2.52 26.00 20.19
C LYS A 418 2.94 25.02 19.08
N VAL A 419 2.07 24.87 18.10
CA VAL A 419 2.37 24.09 16.89
C VAL A 419 3.55 24.71 16.11
N ALA A 420 4.51 23.84 15.72
CA ALA A 420 5.72 24.25 15.03
C ALA A 420 5.82 23.74 13.57
N ALA A 421 5.06 22.70 13.27
CA ALA A 421 5.01 22.10 11.93
C ALA A 421 3.61 21.60 11.69
N PHE A 422 3.13 21.73 10.47
CA PHE A 422 1.79 21.39 10.12
C PHE A 422 1.76 20.90 8.65
N SER A 423 0.90 19.92 8.36
CA SER A 423 0.72 19.47 6.99
C SER A 423 -0.69 18.91 6.87
N VAL A 424 -1.12 18.67 5.63
CA VAL A 424 -2.43 18.11 5.35
C VAL A 424 -2.38 16.96 4.35
N ALA A 425 -3.50 16.24 4.26
CA ALA A 425 -3.66 15.15 3.34
C ALA A 425 -4.91 15.35 2.53
N TYR A 426 -4.89 14.77 1.32
CA TYR A 426 -5.91 14.95 0.32
C TYR A 426 -6.55 13.67 -0.18
N GLU A 427 -7.76 13.83 -0.67
CA GLU A 427 -8.53 12.74 -1.27
C GLU A 427 -9.33 13.30 -2.43
N LEU A 428 -9.60 12.49 -3.42
CA LEU A 428 -10.36 12.97 -4.61
C LEU A 428 -11.79 13.34 -4.23
N PHE A 429 -12.28 14.47 -4.77
CA PHE A 429 -13.66 14.89 -4.63
C PHE A 429 -14.62 13.76 -4.95
N HIS A 430 -15.63 13.64 -4.10
CA HIS A 430 -16.65 12.60 -4.18
C HIS A 430 -18.06 13.18 -4.41
N PRO A 431 -18.56 13.09 -5.64
CA PRO A 431 -19.93 13.63 -5.92
C PRO A 431 -20.99 12.87 -5.16
N ASP A 432 -20.77 11.57 -4.86
CA ASP A 432 -21.70 10.84 -3.97
C ASP A 432 -21.79 11.44 -2.59
N GLU A 433 -20.74 12.10 -2.11
CA GLU A 433 -20.72 12.64 -0.77
C GLU A 433 -21.10 14.10 -0.75
N PHE A 434 -20.77 14.79 -1.83
CA PHE A 434 -20.77 16.24 -1.84
C PHE A 434 -21.61 16.90 -2.94
N GLY A 435 -22.14 16.12 -3.90
CA GLY A 435 -22.98 16.65 -5.01
C GLY A 435 -22.25 16.78 -6.34
N THR A 436 -23.01 16.90 -7.46
CA THR A 436 -22.48 17.05 -8.85
C THR A 436 -22.21 18.50 -9.35
N ARG B 21 -2.50 -25.35 -14.66
CA ARG B 21 -3.61 -25.07 -13.69
C ARG B 21 -3.04 -24.79 -12.28
N LYS B 22 -2.36 -23.67 -12.15
CA LYS B 22 -1.68 -23.31 -10.89
C LYS B 22 -2.64 -22.54 -9.99
N SER B 23 -2.32 -22.49 -8.70
CA SER B 23 -3.17 -21.77 -7.78
C SER B 23 -2.33 -20.96 -6.81
N TYR B 24 -2.82 -19.78 -6.52
CA TYR B 24 -2.26 -18.93 -5.46
C TYR B 24 -2.84 -19.12 -4.04
N LEU B 25 -3.74 -20.09 -3.88
CA LEU B 25 -4.35 -20.39 -2.59
C LEU B 25 -3.34 -20.48 -1.46
N PHE B 26 -3.64 -19.79 -0.36
CA PHE B 26 -2.84 -19.87 0.87
C PHE B 26 -3.53 -20.93 1.70
N ASP B 27 -2.76 -21.84 2.29
CA ASP B 27 -3.39 -22.97 2.96
C ASP B 27 -4.03 -22.52 4.26
N ASN B 28 -4.95 -23.35 4.73
CA ASN B 28 -5.61 -23.13 6.01
C ASN B 28 -4.62 -22.99 7.13
N TYR B 29 -3.61 -23.87 7.16
CA TYR B 29 -2.46 -23.78 8.03
C TYR B 29 -1.25 -23.49 7.20
N GLU B 30 -0.56 -22.38 7.49
CA GLU B 30 0.63 -21.99 6.77
C GLU B 30 1.83 -21.75 7.65
N VAL B 31 2.98 -21.97 7.03
CA VAL B 31 4.28 -21.95 7.70
C VAL B 31 4.98 -20.65 7.53
N ASP B 32 5.83 -20.34 8.49
CA ASP B 32 6.74 -19.23 8.32
C ASP B 32 8.05 -19.58 9.01
N PRO B 33 8.93 -20.26 8.25
CA PRO B 33 10.23 -20.63 8.81
C PRO B 33 11.13 -19.43 9.19
N ASN B 34 10.79 -18.22 8.69
CA ASN B 34 11.51 -17.02 9.08
C ASN B 34 10.94 -16.29 10.30
N TYR B 35 10.04 -16.94 11.01
CA TYR B 35 9.47 -16.32 12.20
C TYR B 35 10.58 -15.96 13.18
N ALA B 36 11.46 -16.91 13.51
CA ALA B 36 12.48 -16.59 14.48
C ALA B 36 13.38 -15.41 14.09
N PHE B 37 13.77 -15.39 12.82
CA PHE B 37 14.55 -14.29 12.28
C PHE B 37 13.82 -12.99 12.51
N LYS B 38 12.56 -12.98 12.07
CA LYS B 38 11.80 -11.74 12.13
C LYS B 38 11.66 -11.28 13.54
N ALA B 39 11.20 -12.18 14.43
CA ALA B 39 10.93 -11.79 15.83
C ALA B 39 12.23 -11.36 16.54
N MET B 40 13.33 -12.07 16.34
CA MET B 40 14.58 -11.74 17.05
C MET B 40 15.23 -10.45 16.56
N VAL B 41 15.38 -10.29 15.25
CA VAL B 41 15.96 -9.10 14.74
C VAL B 41 15.08 -7.91 15.05
N SER B 42 13.76 -8.06 14.95
CA SER B 42 12.84 -6.94 15.15
C SER B 42 12.79 -6.50 16.61
N PHE B 43 13.12 -7.41 17.51
CA PHE B 43 13.16 -7.07 18.95
C PHE B 43 14.39 -6.26 19.30
N GLY B 44 15.44 -6.27 18.46
CA GLY B 44 16.74 -5.70 18.78
C GLY B 44 17.59 -6.83 19.35
N LEU B 45 18.53 -7.32 18.58
CA LEU B 45 19.35 -8.45 19.00
C LEU B 45 20.00 -8.20 20.39
N SER B 46 20.40 -6.96 20.66
CA SER B 46 21.10 -6.68 21.95
C SER B 46 20.11 -6.63 23.11
N ASN B 47 18.82 -6.62 22.84
CA ASN B 47 17.77 -6.59 23.87
C ASN B 47 17.43 -7.99 24.34
N ILE B 48 17.83 -9.01 23.60
CA ILE B 48 17.54 -10.38 23.98
C ILE B 48 18.45 -10.75 25.17
N PRO B 49 17.85 -11.24 26.28
CA PRO B 49 18.68 -11.57 27.44
C PRO B 49 19.78 -12.58 27.15
N TYR B 50 20.98 -12.31 27.69
CA TYR B 50 22.13 -13.18 27.58
C TYR B 50 22.58 -13.46 26.16
N ALA B 51 22.34 -12.46 25.31
CA ALA B 51 22.71 -12.48 23.92
C ALA B 51 24.23 -12.60 23.74
N GLY B 52 24.63 -13.45 22.80
CA GLY B 52 25.97 -13.44 22.21
C GLY B 52 26.21 -12.38 21.13
N GLY B 53 27.34 -12.50 20.46
CA GLY B 53 27.65 -11.60 19.35
C GLY B 53 26.69 -11.79 18.16
N PHE B 54 26.43 -10.73 17.42
CA PHE B 54 25.33 -10.77 16.39
C PHE B 54 25.61 -11.75 15.28
N LEU B 55 26.88 -11.89 14.89
CA LEU B 55 27.22 -12.84 13.82
C LEU B 55 27.01 -14.30 14.25
N SER B 56 27.16 -14.57 15.53
CA SER B 56 26.83 -15.86 16.03
C SER B 56 25.29 -16.11 16.11
N THR B 57 24.58 -15.14 16.65
CA THR B 57 23.13 -15.30 16.75
C THR B 57 22.50 -15.50 15.38
N LEU B 58 22.90 -14.65 14.44
CA LEU B 58 22.34 -14.77 13.10
C LEU B 58 22.58 -16.15 12.47
N TRP B 59 23.76 -16.72 12.73
CA TRP B 59 24.07 -18.04 12.20
C TRP B 59 23.14 -19.12 12.74
N ASN B 60 22.88 -19.03 14.02
CA ASN B 60 21.99 -19.96 14.69
C ASN B 60 20.53 -19.80 14.19
N ILE B 61 20.18 -18.63 13.70
CA ILE B 61 18.84 -18.38 13.15
C ILE B 61 18.70 -19.02 11.76
N PHE B 62 19.64 -18.76 10.87
CA PHE B 62 19.51 -19.25 9.49
C PHE B 62 19.79 -20.76 9.38
N TRP B 63 20.65 -21.26 10.29
CA TRP B 63 21.05 -22.67 10.33
C TRP B 63 20.77 -23.23 11.73
N PRO B 64 19.48 -23.44 12.02
CA PRO B 64 19.14 -23.85 13.35
C PRO B 64 19.81 -25.18 13.60
N ASN B 65 20.23 -25.32 14.85
CA ASN B 65 21.10 -26.42 15.27
C ASN B 65 21.10 -26.58 16.77
N THR B 66 21.57 -27.75 17.16
CA THR B 66 22.16 -27.97 18.46
C THR B 66 23.59 -28.51 18.28
N PRO B 67 24.60 -27.82 18.88
CA PRO B 67 25.98 -28.38 18.81
C PRO B 67 26.00 -29.85 19.24
N ASN B 68 26.81 -30.59 18.48
CA ASN B 68 27.04 -32.00 18.67
C ASN B 68 25.85 -32.92 18.38
N GLU B 69 24.84 -32.38 17.67
CA GLU B 69 23.67 -33.21 17.23
C GLU B 69 23.48 -33.13 15.74
N PRO B 70 22.72 -34.10 15.18
CA PRO B 70 22.59 -34.16 13.70
C PRO B 70 21.94 -32.90 13.12
N ASP B 71 22.28 -32.66 11.85
CA ASP B 71 21.90 -31.47 11.15
C ASP B 71 20.37 -31.50 11.00
N ILE B 72 19.70 -30.37 11.24
CA ILE B 72 18.27 -30.27 10.93
C ILE B 72 18.09 -29.31 9.74
N GLU B 73 16.91 -29.30 9.11
CA GLU B 73 16.77 -28.47 7.87
C GLU B 73 16.98 -27.02 8.18
N ASN B 74 17.72 -26.34 7.33
CA ASN B 74 17.92 -24.93 7.53
C ASN B 74 16.69 -24.16 6.98
N ILE B 75 16.67 -22.83 7.09
CA ILE B 75 15.47 -22.08 6.71
C ILE B 75 15.19 -22.24 5.23
N TRP B 76 16.22 -22.20 4.40
CA TRP B 76 16.01 -22.38 2.97
C TRP B 76 15.37 -23.74 2.68
N GLU B 77 15.84 -24.79 3.35
CA GLU B 77 15.40 -26.14 3.07
C GLU B 77 13.98 -26.26 3.52
N GLN B 78 13.62 -25.59 4.64
CA GLN B 78 12.22 -25.61 5.07
C GLN B 78 11.30 -24.94 4.04
N LEU B 79 11.76 -23.80 3.50
CA LEU B 79 10.98 -23.14 2.47
C LEU B 79 10.92 -23.94 1.17
N ARG B 80 12.03 -24.59 0.85
CA ARG B 80 12.08 -25.47 -0.32
C ARG B 80 10.94 -26.50 -0.21
N ASP B 81 10.73 -27.01 1.00
CA ASP B 81 9.68 -28.04 1.24
C ASP B 81 8.27 -27.49 0.92
N ARG B 82 8.03 -26.23 1.28
CA ARG B 82 6.78 -25.52 0.97
C ARG B 82 6.60 -25.20 -0.51
N ILE B 83 7.68 -24.82 -1.17
CA ILE B 83 7.71 -24.38 -2.57
C ILE B 83 7.52 -25.57 -3.50
N GLN B 84 7.85 -26.75 -2.98
CA GLN B 84 7.71 -27.97 -3.74
C GLN B 84 6.26 -28.19 -4.14
N ASP B 85 5.30 -27.70 -3.37
CA ASP B 85 3.89 -27.76 -3.79
C ASP B 85 3.52 -26.86 -4.98
N LEU B 86 4.41 -25.98 -5.42
CA LEU B 86 4.13 -25.02 -6.46
C LEU B 86 4.87 -25.26 -7.72
N VAL B 87 5.99 -25.98 -7.68
CA VAL B 87 6.85 -26.04 -8.84
C VAL B 87 7.22 -27.52 -9.07
N ASP B 88 7.72 -27.77 -10.25
CA ASP B 88 8.00 -29.16 -10.64
C ASP B 88 9.36 -29.63 -10.16
N GLU B 89 9.62 -30.93 -10.40
CA GLU B 89 10.80 -31.52 -9.87
C GLU B 89 12.06 -30.87 -10.37
N SER B 90 12.06 -30.45 -11.60
CA SER B 90 13.24 -29.90 -12.18
C SER B 90 13.64 -28.59 -11.48
N ILE B 91 12.64 -27.82 -11.09
CA ILE B 91 12.90 -26.53 -10.35
C ILE B 91 13.40 -26.87 -8.94
N ILE B 92 12.80 -27.87 -8.33
CA ILE B 92 13.28 -28.33 -7.03
C ILE B 92 14.78 -28.77 -7.11
N ASP B 93 15.14 -29.51 -8.18
CA ASP B 93 16.52 -29.96 -8.35
C ASP B 93 17.45 -28.77 -8.47
N ALA B 94 17.04 -27.79 -9.24
CA ALA B 94 17.85 -26.60 -9.38
C ALA B 94 18.01 -25.84 -8.04
N ILE B 95 16.93 -25.69 -7.31
CA ILE B 95 16.96 -25.04 -5.99
C ILE B 95 17.94 -25.80 -5.09
N ASN B 96 17.81 -27.11 -5.05
CA ASN B 96 18.66 -27.92 -4.18
C ASN B 96 20.15 -27.79 -4.55
N GLY B 97 20.43 -27.58 -5.84
CA GLY B 97 21.78 -27.42 -6.27
C GLY B 97 22.40 -26.15 -5.70
N ILE B 98 21.59 -25.08 -5.66
CA ILE B 98 22.00 -23.84 -5.03
C ILE B 98 22.16 -23.99 -3.54
N LEU B 99 21.18 -24.59 -2.86
CA LEU B 99 21.29 -24.79 -1.42
C LEU B 99 22.54 -25.58 -1.04
N ASP B 100 22.81 -26.65 -1.82
CA ASP B 100 23.89 -27.59 -1.46
C ASP B 100 25.27 -27.07 -1.83
N SER B 101 25.33 -25.97 -2.61
CA SER B 101 26.57 -25.31 -2.99
C SER B 101 26.77 -23.95 -2.30
N LYS B 102 26.20 -22.92 -2.90
CA LYS B 102 26.43 -21.56 -2.43
C LYS B 102 25.95 -21.32 -1.01
N ILE B 103 24.81 -21.90 -0.63
CA ILE B 103 24.31 -21.65 0.71
C ILE B 103 25.14 -22.38 1.77
N LYS B 104 25.51 -23.63 1.49
CA LYS B 104 26.30 -24.39 2.43
C LYS B 104 27.70 -23.78 2.54
N GLU B 105 28.21 -23.29 1.44
CA GLU B 105 29.55 -22.71 1.47
C GLU B 105 29.54 -21.46 2.32
N THR B 106 28.46 -20.70 2.20
CA THR B 106 28.31 -19.50 3.01
C THR B 106 28.13 -19.86 4.48
N ARG B 107 27.37 -20.90 4.79
CA ARG B 107 27.20 -21.35 6.14
C ARG B 107 28.58 -21.60 6.74
N ASP B 108 29.39 -22.33 5.99
CA ASP B 108 30.69 -22.73 6.54
C ASP B 108 31.64 -21.58 6.71
N LYS B 109 31.64 -20.64 5.75
CA LYS B 109 32.46 -19.46 5.83
C LYS B 109 32.10 -18.62 7.06
N ILE B 110 30.81 -18.46 7.30
CA ILE B 110 30.40 -17.69 8.47
C ILE B 110 30.80 -18.38 9.77
N GLN B 111 30.67 -19.71 9.82
CA GLN B 111 31.04 -20.47 10.99
C GLN B 111 32.53 -20.23 11.27
N ASP B 112 33.31 -20.32 10.22
CA ASP B 112 34.75 -19.98 10.29
C ASP B 112 34.99 -18.59 10.88
N ILE B 113 34.32 -17.59 10.36
CA ILE B 113 34.44 -16.24 10.89
C ILE B 113 34.06 -16.16 12.39
N ASN B 114 32.96 -16.81 12.78
CA ASN B 114 32.56 -16.82 14.18
C ASN B 114 33.63 -17.39 15.13
N GLU B 115 34.23 -18.50 14.72
CA GLU B 115 35.31 -19.11 15.49
C GLU B 115 36.48 -18.15 15.63
N THR B 116 36.87 -17.51 14.53
CA THR B 116 37.94 -16.54 14.56
C THR B 116 37.67 -15.32 15.48
N ILE B 117 36.45 -14.79 15.43
CA ILE B 117 36.11 -13.65 16.23
C ILE B 117 36.28 -13.99 17.72
N GLU B 118 35.78 -15.15 18.08
CA GLU B 118 35.73 -15.57 19.45
C GLU B 118 37.15 -15.82 20.01
N ASN B 119 37.95 -16.53 19.22
CA ASN B 119 39.29 -16.93 19.64
C ASN B 119 40.41 -15.94 19.40
N PHE B 120 40.22 -15.00 18.47
CA PHE B 120 41.26 -14.08 18.11
C PHE B 120 40.84 -12.61 18.04
N GLY B 121 39.51 -12.38 18.10
CA GLY B 121 38.93 -11.04 18.17
C GLY B 121 38.43 -10.57 16.80
N TYR B 122 37.62 -9.52 16.83
CA TYR B 122 37.00 -8.99 15.63
C TYR B 122 38.04 -8.53 14.64
N ALA B 123 39.05 -7.81 15.13
CA ALA B 123 40.06 -7.23 14.18
C ALA B 123 40.83 -8.32 13.40
N ALA B 124 41.09 -9.44 14.05
CA ALA B 124 41.74 -10.58 13.35
C ALA B 124 40.81 -11.32 12.36
N ALA B 125 39.50 -11.16 12.52
CA ALA B 125 38.56 -11.72 11.57
C ALA B 125 38.19 -10.76 10.46
N LYS B 126 38.73 -9.54 10.47
CA LYS B 126 38.32 -8.50 9.53
C LYS B 126 38.47 -8.90 8.08
N ASP B 127 39.65 -9.41 7.69
CA ASP B 127 39.80 -9.75 6.27
C ASP B 127 38.93 -10.91 5.90
N ASP B 128 38.75 -11.85 6.81
CA ASP B 128 37.88 -13.00 6.53
C ASP B 128 36.42 -12.51 6.32
N TYR B 129 35.95 -11.57 7.13
CA TYR B 129 34.63 -10.96 6.96
C TYR B 129 34.54 -10.22 5.62
N ILE B 130 35.54 -9.39 5.31
CA ILE B 130 35.57 -8.74 4.02
C ILE B 130 35.44 -9.75 2.88
N GLY B 131 36.08 -10.88 2.99
CA GLY B 131 35.97 -11.97 1.98
C GLY B 131 34.55 -12.58 1.91
N LEU B 132 33.92 -12.71 3.07
CA LEU B 132 32.50 -13.14 3.14
C LEU B 132 31.67 -12.22 2.32
N VAL B 133 31.78 -10.92 2.57
CA VAL B 133 30.90 -9.93 1.90
C VAL B 133 31.23 -9.95 0.43
N THR B 134 32.55 -9.91 0.11
CA THR B 134 32.95 -9.72 -1.27
C THR B 134 32.70 -10.91 -2.17
N HIS B 135 32.99 -12.10 -1.66
CA HIS B 135 32.99 -13.29 -2.49
C HIS B 135 31.83 -14.21 -2.27
N TYR B 136 31.07 -14.03 -1.18
CA TYR B 136 29.96 -14.95 -0.91
C TYR B 136 28.62 -14.21 -0.93
N LEU B 137 28.54 -13.07 -0.27
CA LEU B 137 27.23 -12.35 -0.15
C LEU B 137 26.83 -11.48 -1.33
N ILE B 138 27.71 -10.64 -1.83
CA ILE B 138 27.42 -9.82 -2.98
C ILE B 138 26.97 -10.73 -4.14
N GLY B 139 25.80 -10.42 -4.69
CA GLY B 139 25.23 -11.22 -5.78
C GLY B 139 24.48 -12.47 -5.39
N LEU B 140 24.54 -12.87 -4.11
CA LEU B 140 23.90 -14.17 -3.72
C LEU B 140 22.39 -14.24 -4.05
N GLU B 141 21.74 -13.10 -4.02
CA GLU B 141 20.29 -13.02 -4.28
C GLU B 141 19.94 -13.34 -5.75
N GLU B 142 20.90 -13.20 -6.65
CA GLU B 142 20.63 -13.41 -8.05
C GLU B 142 20.16 -14.83 -8.29
N ASN B 143 20.61 -15.77 -7.45
CA ASN B 143 20.20 -17.15 -7.57
C ASN B 143 18.68 -17.36 -7.44
N PHE B 144 17.96 -16.40 -6.86
CA PHE B 144 16.52 -16.54 -6.66
C PHE B 144 15.73 -15.38 -7.23
N LYS B 145 16.34 -14.64 -8.18
CA LYS B 145 15.61 -13.65 -8.98
C LYS B 145 15.44 -14.16 -10.41
N ARG B 146 14.34 -13.78 -11.01
CA ARG B 146 14.01 -14.10 -12.40
C ARG B 146 13.69 -12.80 -13.13
N GLU B 147 13.90 -12.72 -14.42
CA GLU B 147 13.39 -11.57 -15.18
C GLU B 147 11.88 -11.25 -14.93
N LEU B 148 11.61 -9.93 -14.90
CA LEU B 148 10.25 -9.42 -14.71
C LEU B 148 9.59 -9.23 -16.07
N ASP B 149 9.29 -10.33 -16.75
CA ASP B 149 8.80 -10.29 -18.14
C ASP B 149 7.37 -10.84 -18.29
N GLY B 150 6.46 -10.55 -17.37
CA GLY B 150 5.07 -10.94 -17.59
C GLY B 150 4.70 -12.43 -17.52
N ASP B 151 5.69 -13.34 -17.51
CA ASP B 151 5.48 -14.64 -16.83
C ASP B 151 6.47 -14.85 -15.69
N GLU B 152 6.00 -14.38 -14.55
CA GLU B 152 6.83 -14.24 -13.39
C GLU B 152 6.43 -15.30 -12.36
N TRP B 153 5.75 -16.36 -12.79
CA TRP B 153 5.23 -17.34 -11.82
C TRP B 153 6.43 -17.96 -11.07
N LEU B 154 7.48 -18.33 -11.77
CA LEU B 154 8.63 -18.93 -11.08
C LEU B 154 9.30 -17.97 -10.09
N GLY B 155 9.38 -16.71 -10.45
CA GLY B 155 9.83 -15.69 -9.53
C GLY B 155 9.00 -15.61 -8.26
N TYR B 156 7.67 -15.63 -8.42
CA TYR B 156 6.73 -15.62 -7.32
C TYR B 156 6.97 -16.87 -6.46
N ALA B 157 7.08 -18.05 -7.10
CA ALA B 157 7.21 -19.26 -6.33
C ALA B 157 8.49 -19.28 -5.45
N ILE B 158 9.58 -18.74 -5.96
CA ILE B 158 10.85 -18.80 -5.26
C ILE B 158 11.09 -17.55 -4.39
N LEU B 159 10.12 -16.61 -4.38
CA LEU B 159 10.19 -15.42 -3.51
C LEU B 159 10.66 -15.70 -2.10
N PRO B 160 10.14 -16.72 -1.39
CA PRO B 160 10.60 -16.91 -0.03
C PRO B 160 12.09 -17.21 0.05
N LEU B 161 12.63 -17.92 -0.97
CA LEU B 161 14.08 -18.17 -0.97
C LEU B 161 14.86 -16.93 -1.25
N LEU B 162 14.38 -16.12 -2.17
CA LEU B 162 14.98 -14.80 -2.37
C LEU B 162 14.97 -13.97 -1.05
N ALA B 163 13.84 -13.85 -0.37
CA ALA B 163 13.76 -13.02 0.83
C ALA B 163 14.67 -13.51 1.93
N THR B 164 14.75 -14.84 2.14
CA THR B 164 15.61 -15.38 3.16
C THR B 164 17.07 -15.06 2.84
N THR B 165 17.43 -15.19 1.58
CA THR B 165 18.75 -14.86 1.12
C THR B 165 19.14 -13.43 1.37
N VAL B 166 18.24 -12.51 1.02
CA VAL B 166 18.48 -11.12 1.18
C VAL B 166 18.52 -10.78 2.67
N SER B 167 17.69 -11.43 3.47
CA SER B 167 17.75 -11.24 4.91
C SER B 167 19.13 -11.59 5.46
N LEU B 168 19.71 -12.69 4.97
CA LEU B 168 21.06 -13.07 5.35
C LEU B 168 22.06 -12.01 4.94
N GLN B 169 22.01 -11.63 3.67
CA GLN B 169 22.95 -10.66 3.09
C GLN B 169 22.95 -9.32 3.90
N ILE B 170 21.75 -8.79 4.07
CA ILE B 170 21.59 -7.47 4.62
C ILE B 170 22.03 -7.49 6.07
N THR B 171 21.65 -8.53 6.81
CA THR B 171 21.98 -8.55 8.25
C THR B 171 23.47 -8.74 8.43
N TYR B 172 24.10 -9.62 7.63
CA TYR B 172 25.54 -9.80 7.76
C TYR B 172 26.33 -8.58 7.29
N MET B 173 25.90 -7.88 6.25
CA MET B 173 26.55 -6.61 5.91
C MET B 173 26.39 -5.58 7.00
N ALA B 174 25.20 -5.50 7.56
CA ALA B 174 24.96 -4.49 8.61
C ALA B 174 25.80 -4.74 9.82
N CYS B 175 26.03 -6.03 10.15
CA CYS B 175 26.83 -6.35 11.35
C CYS B 175 28.23 -5.71 11.28
N GLY B 176 28.74 -5.55 10.07
CA GLY B 176 30.07 -4.94 9.91
C GLY B 176 29.97 -3.49 10.36
N LEU B 177 28.81 -2.86 10.23
CA LEU B 177 28.66 -1.47 10.70
C LEU B 177 28.51 -1.42 12.21
N ASP B 178 27.71 -2.31 12.84
CA ASP B 178 27.60 -2.30 14.30
C ASP B 178 28.97 -2.51 14.93
N TYR B 179 29.75 -3.39 14.33
CA TYR B 179 31.06 -3.73 14.84
C TYR B 179 32.18 -2.97 14.09
N LYS B 180 31.94 -1.80 13.51
CA LYS B 180 32.97 -1.18 12.68
C LYS B 180 34.26 -0.89 13.52
N ASP B 181 34.10 -0.43 14.75
CA ASP B 181 35.29 -0.08 15.58
C ASP B 181 36.00 -1.34 16.11
N GLU B 182 35.27 -2.43 16.30
CA GLU B 182 35.89 -3.68 16.70
C GLU B 182 36.64 -4.32 15.54
N PHE B 183 35.97 -4.48 14.39
CA PHE B 183 36.69 -4.96 13.18
C PHE B 183 37.85 -4.06 12.78
N GLY B 184 37.70 -2.79 13.03
CA GLY B 184 38.69 -1.79 12.66
C GLY B 184 38.61 -1.37 11.21
N PHE B 185 37.40 -1.12 10.70
CA PHE B 185 37.27 -0.75 9.30
C PHE B 185 37.72 0.71 9.02
N THR B 186 38.27 0.94 7.82
CA THR B 186 38.52 2.28 7.31
C THR B 186 37.19 2.93 6.89
N ASP B 187 37.17 4.23 6.73
CA ASP B 187 35.91 4.86 6.28
C ASP B 187 35.57 4.46 4.83
N SER B 188 36.58 4.14 4.02
CA SER B 188 36.36 3.53 2.71
C SER B 188 35.54 2.26 2.89
N ASP B 189 35.99 1.40 3.82
CA ASP B 189 35.38 0.11 4.18
C ASP B 189 33.89 0.33 4.56
N VAL B 190 33.64 1.31 5.39
CA VAL B 190 32.31 1.55 5.94
C VAL B 190 31.40 2.08 4.83
N HIS B 191 31.97 2.94 3.98
CA HIS B 191 31.26 3.49 2.83
C HIS B 191 30.82 2.39 1.87
N LYS B 192 31.69 1.45 1.59
CA LYS B 192 31.35 0.37 0.69
C LYS B 192 30.24 -0.49 1.28
N LEU B 193 30.29 -0.70 2.60
CA LEU B 193 29.29 -1.57 3.22
C LEU B 193 27.92 -0.89 3.19
N THR B 194 27.88 0.40 3.48
CA THR B 194 26.67 1.12 3.48
C THR B 194 26.11 1.18 2.06
N ARG B 195 26.95 1.45 1.08
CA ARG B 195 26.48 1.43 -0.30
C ARG B 195 25.96 0.06 -0.71
N ASN B 196 26.57 -0.99 -0.24
CA ASN B 196 26.10 -2.31 -0.64
C ASN B 196 24.76 -2.63 -0.05
N ILE B 197 24.54 -2.25 1.18
CA ILE B 197 23.23 -2.37 1.75
C ILE B 197 22.20 -1.57 0.97
N ASP B 198 22.49 -0.32 0.73
CA ASP B 198 21.57 0.54 0.02
C ASP B 198 21.21 -0.06 -1.33
N LYS B 199 22.20 -0.47 -2.10
CA LYS B 199 21.95 -0.98 -3.46
C LYS B 199 21.10 -2.26 -3.44
N LEU B 200 21.43 -3.15 -2.54
CA LEU B 200 20.71 -4.41 -2.42
C LEU B 200 19.26 -4.17 -2.02
N TYR B 201 19.07 -3.38 -0.96
CA TYR B 201 17.73 -3.01 -0.55
C TYR B 201 16.92 -2.37 -1.71
N ASP B 202 17.50 -1.36 -2.37
CA ASP B 202 16.78 -0.67 -3.43
C ASP B 202 16.40 -1.60 -4.56
N ASP B 203 17.34 -2.45 -4.96
CA ASP B 203 17.12 -3.36 -6.07
C ASP B 203 16.05 -4.40 -5.73
N VAL B 204 16.14 -5.02 -4.56
CA VAL B 204 15.20 -6.08 -4.22
C VAL B 204 13.83 -5.54 -3.83
N SER B 205 13.76 -4.40 -3.14
CA SER B 205 12.46 -3.91 -2.76
C SER B 205 11.64 -3.57 -4.01
N SER B 206 12.28 -2.98 -5.04
CA SER B 206 11.66 -2.67 -6.32
C SER B 206 11.15 -3.93 -6.96
N TYR B 207 12.02 -4.92 -6.94
CA TYR B 207 11.75 -6.20 -7.62
C TYR B 207 10.51 -6.90 -6.98
N ILE B 208 10.54 -7.03 -5.66
CA ILE B 208 9.45 -7.70 -4.94
C ILE B 208 8.15 -6.90 -5.08
N THR B 209 8.22 -5.57 -5.04
CA THR B 209 6.99 -4.75 -5.18
C THR B 209 6.37 -4.97 -6.58
N GLU B 210 7.20 -5.05 -7.63
CA GLU B 210 6.70 -5.32 -8.95
C GLU B 210 6.14 -6.70 -9.07
N LEU B 211 6.88 -7.69 -8.54
CA LEU B 211 6.43 -9.08 -8.52
C LEU B 211 5.06 -9.22 -7.88
N ALA B 212 4.85 -8.56 -6.76
CA ALA B 212 3.59 -8.62 -6.05
C ALA B 212 2.45 -8.06 -6.90
N ALA B 213 2.69 -6.93 -7.57
CA ALA B 213 1.68 -6.37 -8.44
C ALA B 213 1.35 -7.31 -9.63
N TRP B 214 2.37 -7.92 -10.21
CA TRP B 214 2.18 -8.93 -11.28
C TRP B 214 1.29 -10.06 -10.78
N ALA B 215 1.58 -10.55 -9.57
CA ALA B 215 0.84 -11.67 -8.99
C ALA B 215 -0.58 -11.30 -8.63
N ASP B 216 -0.78 -10.08 -8.20
CA ASP B 216 -2.17 -9.59 -8.02
C ASP B 216 -3.00 -9.72 -9.30
N ASN B 217 -2.42 -9.28 -10.43
CA ASN B 217 -3.13 -9.30 -11.70
C ASN B 217 -3.27 -10.72 -12.24
N ASP B 218 -2.20 -11.49 -12.12
CA ASP B 218 -2.18 -12.86 -12.67
C ASP B 218 -3.12 -13.78 -11.88
N SER B 219 -3.18 -13.60 -10.56
CA SER B 219 -4.07 -14.42 -9.70
C SER B 219 -5.52 -14.10 -10.03
N TYR B 220 -5.82 -12.83 -10.24
CA TYR B 220 -7.14 -12.42 -10.67
C TYR B 220 -7.48 -12.98 -12.08
N ASN B 221 -6.56 -12.86 -13.02
CA ASN B 221 -6.82 -13.20 -14.41
C ASN B 221 -7.19 -14.65 -14.50
N ASN B 222 -6.58 -15.45 -13.64
CA ASN B 222 -6.80 -16.92 -13.72
C ASN B 222 -7.85 -17.45 -12.81
N ALA B 223 -8.49 -16.57 -12.04
CA ALA B 223 -9.54 -16.94 -11.12
C ALA B 223 -10.93 -16.98 -11.76
N ASN B 224 -11.90 -17.45 -10.96
CA ASN B 224 -13.33 -17.36 -11.27
C ASN B 224 -14.06 -16.77 -10.10
N GLN B 225 -15.38 -16.49 -10.23
CA GLN B 225 -16.10 -15.82 -9.12
C GLN B 225 -16.18 -16.67 -7.85
N ASP B 226 -16.09 -17.97 -8.02
CA ASP B 226 -16.00 -18.83 -6.85
C ASP B 226 -14.66 -18.82 -6.06
N ASN B 227 -13.52 -18.61 -6.70
CA ASN B 227 -12.25 -18.67 -5.98
C ASN B 227 -11.45 -17.35 -6.00
N VAL B 228 -12.05 -16.27 -6.45
CA VAL B 228 -11.24 -15.03 -6.61
C VAL B 228 -10.69 -14.51 -5.27
N TYR B 229 -11.46 -14.62 -4.20
CA TYR B 229 -10.97 -14.20 -2.90
C TYR B 229 -9.74 -15.01 -2.53
N ASP B 230 -9.85 -16.32 -2.60
CA ASP B 230 -8.70 -17.18 -2.27
C ASP B 230 -7.47 -16.97 -3.14
N GLU B 231 -7.67 -16.74 -4.42
CA GLU B 231 -6.59 -16.62 -5.33
C GLU B 231 -5.86 -15.27 -5.11
N VAL B 232 -6.63 -14.18 -5.14
CA VAL B 232 -6.04 -12.83 -4.97
C VAL B 232 -5.50 -12.60 -3.55
N MET B 233 -6.27 -12.98 -2.57
CA MET B 233 -5.79 -12.76 -1.19
C MET B 233 -4.68 -13.72 -0.89
N GLY B 234 -4.67 -14.91 -1.51
CA GLY B 234 -3.52 -15.80 -1.36
C GLY B 234 -2.21 -15.26 -1.89
N ALA B 235 -2.25 -14.65 -3.07
CA ALA B 235 -1.07 -14.03 -3.66
C ALA B 235 -0.61 -12.94 -2.72
N ARG B 236 -1.54 -12.17 -2.18
CA ARG B 236 -1.24 -11.08 -1.26
C ARG B 236 -0.54 -11.63 0.02
N SER B 237 -1.09 -12.70 0.59
CA SER B 237 -0.50 -13.27 1.78
C SER B 237 0.90 -13.75 1.56
N TRP B 238 1.11 -14.47 0.46
CA TRP B 238 2.43 -14.95 0.14
C TRP B 238 3.48 -13.86 0.02
N CYS B 239 3.11 -12.81 -0.69
CA CYS B 239 4.02 -11.69 -0.93
C CYS B 239 4.27 -10.93 0.40
N THR B 240 3.29 -10.88 1.28
CA THR B 240 3.46 -10.24 2.56
C THR B 240 4.34 -11.06 3.47
N VAL B 241 4.02 -12.31 3.69
CA VAL B 241 4.73 -13.09 4.67
C VAL B 241 6.18 -13.33 4.13
N HIS B 242 6.30 -13.68 2.85
CA HIS B 242 7.58 -14.06 2.31
C HIS B 242 8.31 -12.96 1.53
N GLY B 243 7.83 -11.74 1.66
CA GLY B 243 8.38 -10.60 0.98
C GLY B 243 8.34 -9.37 1.81
N PHE B 244 7.16 -8.77 1.93
CA PHE B 244 7.11 -7.46 2.59
C PHE B 244 7.49 -7.49 4.06
N GLU B 245 7.19 -8.56 4.79
CA GLU B 245 7.62 -8.64 6.19
C GLU B 245 9.14 -8.67 6.36
N HIS B 246 9.86 -9.26 5.38
CA HIS B 246 11.32 -9.18 5.34
C HIS B 246 11.76 -7.76 5.00
N MET B 247 11.15 -7.22 3.96
CA MET B 247 11.52 -5.89 3.45
C MET B 247 11.41 -4.82 4.55
N LEU B 248 10.39 -4.91 5.41
CA LEU B 248 10.23 -3.95 6.53
C LEU B 248 11.45 -3.94 7.42
N ILE B 249 12.01 -5.11 7.72
CA ILE B 249 13.14 -5.21 8.58
C ILE B 249 14.40 -4.67 7.85
N TRP B 250 14.55 -5.03 6.55
CA TRP B 250 15.63 -4.51 5.76
C TRP B 250 15.61 -3.00 5.69
N GLN B 251 14.41 -2.47 5.54
CA GLN B 251 14.27 -1.03 5.43
C GLN B 251 14.79 -0.31 6.68
N LYS B 252 14.49 -0.85 7.86
CA LYS B 252 14.95 -0.23 9.11
C LYS B 252 16.48 -0.30 9.24
N ILE B 253 17.03 -1.43 8.82
CA ILE B 253 18.48 -1.65 8.77
C ILE B 253 19.13 -0.64 7.82
N LYS B 254 18.54 -0.45 6.64
CA LYS B 254 19.06 0.53 5.71
C LYS B 254 19.03 1.92 6.35
N GLU B 255 17.91 2.29 6.95
CA GLU B 255 17.77 3.65 7.49
C GLU B 255 18.75 3.94 8.64
N LEU B 256 18.92 2.98 9.52
CA LEU B 256 19.72 3.16 10.75
C LEU B 256 21.16 2.76 10.58
N LYS B 257 21.45 2.07 9.48
CA LYS B 257 22.80 1.56 9.19
C LYS B 257 23.37 0.74 10.32
N LYS B 258 22.58 -0.21 10.77
CA LYS B 258 23.02 -1.13 11.80
C LYS B 258 22.05 -2.32 11.80
N VAL B 259 22.48 -3.50 12.24
CA VAL B 259 21.62 -4.66 12.39
C VAL B 259 20.79 -4.63 13.67
N ASP B 260 21.25 -3.88 14.70
CA ASP B 260 20.60 -3.87 15.99
C ASP B 260 19.52 -2.80 15.98
N VAL B 261 18.29 -3.21 15.65
CA VAL B 261 17.22 -2.25 15.40
C VAL B 261 15.95 -2.74 16.10
N PHE B 262 14.97 -1.87 16.22
CA PHE B 262 13.68 -2.21 16.74
C PHE B 262 12.64 -1.98 15.62
N VAL B 263 11.87 -2.99 15.32
CA VAL B 263 10.80 -2.97 14.30
C VAL B 263 9.51 -3.55 14.88
N HIS B 264 8.41 -2.80 14.76
CA HIS B 264 7.09 -3.26 15.14
C HIS B 264 6.26 -3.41 13.88
N SER B 265 6.11 -4.64 13.36
CA SER B 265 5.45 -4.82 12.07
C SER B 265 3.98 -4.56 12.13
N ASN B 266 3.48 -3.75 11.22
CA ASN B 266 2.08 -3.50 11.04
C ASN B 266 1.49 -4.15 9.82
N LEU B 267 2.23 -5.05 9.16
CA LEU B 267 1.77 -5.71 7.96
C LEU B 267 0.72 -6.76 8.22
N ILE B 268 -0.28 -6.79 7.39
CA ILE B 268 -1.46 -7.70 7.57
C ILE B 268 -1.52 -8.68 6.39
N SER B 269 -1.65 -9.96 6.72
CA SER B 269 -1.85 -10.99 5.74
C SER B 269 -3.19 -11.72 6.02
N TYR B 270 -3.53 -12.66 5.13
CA TYR B 270 -4.91 -13.14 5.01
C TYR B 270 -5.04 -14.67 4.92
N SER B 271 -5.99 -15.23 5.67
CA SER B 271 -6.34 -16.64 5.49
C SER B 271 -7.15 -16.82 4.20
N PRO B 272 -7.25 -18.07 3.71
CA PRO B 272 -8.24 -18.37 2.77
C PRO B 272 -9.63 -18.21 3.44
N ALA B 273 -10.64 -18.13 2.61
CA ALA B 273 -11.99 -18.13 3.12
C ALA B 273 -12.49 -19.53 3.43
N VAL B 274 -13.45 -19.59 4.34
CA VAL B 274 -14.22 -20.85 4.61
C VAL B 274 -15.68 -20.55 4.29
N GLY B 275 -16.36 -21.52 3.69
CA GLY B 275 -17.78 -21.35 3.37
C GLY B 275 -18.04 -21.09 1.90
N PHE B 276 -19.02 -20.25 1.61
CA PHE B 276 -19.69 -20.21 0.31
C PHE B 276 -19.36 -18.87 -0.33
N PRO B 277 -18.91 -18.87 -1.62
CA PRO B 277 -18.51 -17.65 -2.41
C PRO B 277 -19.38 -16.43 -2.17
N SER B 278 -18.75 -15.33 -1.79
CA SER B 278 -19.46 -14.11 -1.54
C SER B 278 -19.11 -12.91 -2.48
N GLY B 279 -20.07 -12.26 -3.10
CA GLY B 279 -19.86 -10.95 -3.74
C GLY B 279 -19.17 -9.97 -2.78
N ASN B 280 -19.54 -10.02 -1.49
CA ASN B 280 -18.99 -9.11 -0.53
C ASN B 280 -17.51 -9.42 -0.21
N PHE B 281 -17.20 -10.69 -0.02
CA PHE B 281 -15.77 -11.08 0.01
C PHE B 281 -15.02 -10.70 -1.23
N ASN B 282 -15.61 -11.00 -2.40
CA ASN B 282 -14.97 -10.72 -3.64
C ASN B 282 -14.70 -9.25 -3.87
N TYR B 283 -15.57 -8.39 -3.37
CA TYR B 283 -15.38 -6.91 -3.45
C TYR B 283 -14.07 -6.50 -2.76
N ILE B 284 -13.77 -7.09 -1.64
CA ILE B 284 -12.52 -6.84 -0.92
C ILE B 284 -11.31 -7.34 -1.69
N ALA B 285 -11.43 -8.53 -2.27
CA ALA B 285 -10.36 -9.07 -3.08
C ALA B 285 -10.06 -8.29 -4.35
N THR B 286 -11.09 -7.76 -5.02
CA THR B 286 -10.93 -7.12 -6.31
C THR B 286 -10.64 -5.62 -6.15
N GLY B 287 -10.68 -5.13 -4.92
CA GLY B 287 -10.19 -3.79 -4.58
C GLY B 287 -8.71 -3.85 -4.12
N THR B 288 -8.18 -2.71 -3.74
CA THR B 288 -6.78 -2.66 -3.31
C THR B 288 -6.56 -2.96 -1.83
N GLU B 289 -5.31 -3.30 -1.48
CA GLU B 289 -4.97 -3.52 -0.08
C GLU B 289 -5.11 -2.30 0.79
N ASP B 290 -4.83 -1.15 0.21
CA ASP B 290 -4.86 0.14 0.92
C ASP B 290 -6.27 0.37 1.45
N GLU B 291 -7.30 -0.16 0.77
CA GLU B 291 -8.67 0.13 1.15
C GLU B 291 -9.43 -1.03 1.79
N ILE B 292 -8.72 -2.05 2.23
CA ILE B 292 -9.40 -3.14 3.03
C ILE B 292 -9.77 -2.55 4.38
N PRO B 293 -11.08 -2.63 4.82
CA PRO B 293 -11.44 -2.00 6.06
C PRO B 293 -11.47 -2.99 7.19
N GLN B 294 -11.68 -2.47 8.37
CA GLN B 294 -12.19 -3.26 9.50
C GLN B 294 -13.57 -3.83 9.08
N PRO B 295 -13.92 -5.07 9.50
CA PRO B 295 -13.23 -5.82 10.55
C PRO B 295 -12.08 -6.70 10.06
N LEU B 296 -11.92 -6.94 8.76
CA LEU B 296 -10.79 -7.83 8.33
C LEU B 296 -9.41 -7.24 8.62
N LYS B 297 -9.18 -5.99 8.20
CA LYS B 297 -7.86 -5.38 8.36
C LYS B 297 -7.96 -4.30 9.43
N PRO B 298 -7.27 -4.42 10.55
CA PRO B 298 -7.39 -3.41 11.62
C PRO B 298 -6.84 -2.08 11.15
N ASN B 299 -7.51 -1.00 11.56
CA ASN B 299 -6.94 0.32 11.37
C ASN B 299 -5.67 0.51 12.14
N MET B 300 -4.84 1.50 11.76
CA MET B 300 -3.79 1.92 12.66
C MET B 300 -4.39 2.62 13.87
N PHE B 301 -3.76 2.42 14.99
CA PHE B 301 -4.08 3.14 16.24
C PHE B 301 -2.75 3.67 16.72
N GLY B 302 -2.41 4.88 16.29
CA GLY B 302 -1.03 5.37 16.58
C GLY B 302 0.02 4.59 15.75
N GLU B 303 1.02 4.05 16.45
CA GLU B 303 2.16 3.33 15.75
C GLU B 303 1.94 1.83 15.68
N ARG B 304 0.78 1.37 16.11
CA ARG B 304 0.46 -0.05 16.00
C ARG B 304 -0.94 -0.21 15.52
N ARG B 305 -1.33 -1.46 15.31
CA ARG B 305 -2.69 -1.77 14.87
C ARG B 305 -3.73 -1.75 15.98
N ASN B 306 -4.95 -1.33 15.65
CA ASN B 306 -6.09 -1.26 16.55
C ASN B 306 -6.45 -2.69 17.02
N ARG B 307 -6.42 -2.91 18.32
CA ARG B 307 -6.71 -4.25 18.89
C ARG B 307 -8.18 -4.43 19.21
N ILE B 308 -8.66 -5.64 18.91
CA ILE B 308 -9.96 -6.11 19.40
C ILE B 308 -9.89 -6.32 20.92
N VAL B 309 -10.84 -5.77 21.66
CA VAL B 309 -10.93 -5.94 23.10
C VAL B 309 -12.11 -6.84 23.53
N LYS B 310 -13.10 -6.98 22.68
CA LYS B 310 -14.32 -7.76 23.05
C LYS B 310 -14.92 -8.33 21.79
N ILE B 311 -15.43 -9.56 21.88
CA ILE B 311 -16.17 -10.15 20.84
C ILE B 311 -17.58 -10.47 21.42
N GLU B 312 -18.59 -10.16 20.63
CA GLU B 312 -19.99 -10.55 20.89
C GLU B 312 -20.51 -11.39 19.77
N SER B 313 -21.37 -12.35 20.05
CA SER B 313 -21.87 -13.20 19.02
C SER B 313 -23.31 -13.60 19.30
N TRP B 314 -23.98 -13.96 18.23
CA TRP B 314 -25.32 -14.55 18.25
C TRP B 314 -25.30 -15.81 17.37
N ASN B 315 -26.01 -16.86 17.81
CA ASN B 315 -26.34 -17.98 16.98
C ASN B 315 -27.60 -17.71 16.19
N SER B 316 -27.75 -18.45 15.11
CA SER B 316 -28.76 -18.09 14.09
C SER B 316 -29.96 -18.96 14.29
N ILE B 317 -31.03 -18.59 13.55
CA ILE B 317 -32.20 -19.47 13.34
C ILE B 317 -31.77 -20.92 13.11
N GLU B 318 -32.38 -21.85 13.82
CA GLU B 318 -32.09 -23.25 13.59
C GLU B 318 -32.32 -23.60 12.12
N ILE B 319 -31.31 -24.19 11.48
CA ILE B 319 -31.42 -24.69 10.11
C ILE B 319 -31.11 -26.20 10.14
N HIS B 320 -32.04 -27.00 9.62
CA HIS B 320 -31.94 -28.48 9.65
C HIS B 320 -31.35 -28.97 10.99
N TYR B 321 -32.02 -28.58 12.08
CA TYR B 321 -31.78 -29.12 13.42
C TYR B 321 -30.53 -28.64 14.15
N TYR B 322 -29.75 -27.73 13.55
CA TYR B 322 -28.56 -27.21 14.25
C TYR B 322 -28.58 -25.69 14.23
N ASN B 323 -28.30 -25.07 15.38
CA ASN B 323 -28.09 -23.61 15.43
C ASN B 323 -26.74 -23.30 14.72
N ARG B 324 -26.73 -22.27 13.89
CA ARG B 324 -25.54 -21.91 13.12
C ARG B 324 -25.01 -20.58 13.68
N VAL B 325 -24.02 -20.02 13.02
CA VAL B 325 -23.44 -18.75 13.43
C VAL B 325 -24.33 -17.68 12.86
N GLY B 326 -24.86 -16.80 13.71
CA GLY B 326 -25.73 -15.73 13.19
C GLY B 326 -25.02 -14.47 12.78
N ARG B 327 -24.28 -13.91 13.72
CA ARG B 327 -23.50 -12.70 13.49
C ARG B 327 -22.53 -12.51 14.61
N LEU B 328 -21.53 -11.65 14.38
CA LEU B 328 -20.63 -11.24 15.43
C LEU B 328 -20.50 -9.70 15.46
N LYS B 329 -19.92 -9.21 16.54
CA LYS B 329 -19.62 -7.80 16.70
C LYS B 329 -18.30 -7.63 17.46
N LEU B 330 -17.39 -6.83 16.92
CA LEU B 330 -16.09 -6.57 17.53
C LEU B 330 -16.04 -5.19 18.13
N THR B 331 -15.46 -5.07 19.31
CA THR B 331 -15.17 -3.81 19.93
C THR B 331 -13.67 -3.69 19.99
N TYR B 332 -13.17 -2.51 19.61
CA TYR B 332 -11.76 -2.27 19.51
C TYR B 332 -11.29 -1.32 20.58
N GLU B 333 -9.97 -1.24 20.83
CA GLU B 333 -9.47 -0.44 21.90
C GLU B 333 -9.68 1.06 21.61
N ASN B 334 -9.79 1.44 20.36
CA ASN B 334 -10.06 2.86 20.01
C ASN B 334 -11.54 3.27 20.25
N GLY B 335 -12.34 2.31 20.71
CA GLY B 335 -13.79 2.48 20.88
C GLY B 335 -14.70 2.10 19.77
N GLU B 336 -14.19 1.80 18.59
CA GLU B 336 -15.03 1.43 17.47
C GLU B 336 -15.69 0.11 17.73
N VAL B 337 -16.95 0.06 17.34
CA VAL B 337 -17.73 -1.15 17.37
C VAL B 337 -18.11 -1.53 15.96
N VAL B 338 -17.76 -2.73 15.51
CA VAL B 338 -17.94 -3.08 14.13
C VAL B 338 -18.73 -4.39 13.95
N GLU B 339 -19.77 -4.38 13.13
CA GLU B 339 -20.65 -5.52 12.92
C GLU B 339 -20.09 -6.46 11.93
N LEU B 340 -20.27 -7.73 12.22
CA LEU B 340 -20.03 -8.76 11.25
C LEU B 340 -21.33 -9.52 11.01
N GLY B 341 -22.03 -9.09 9.98
CA GLY B 341 -23.41 -9.45 9.74
C GLY B 341 -24.32 -8.49 10.49
N LYS B 342 -25.54 -8.37 10.02
CA LYS B 342 -26.48 -7.49 10.68
C LYS B 342 -27.43 -8.38 11.50
N ALA B 343 -28.08 -7.74 12.45
CA ALA B 343 -29.05 -8.38 13.36
C ALA B 343 -30.25 -8.93 12.58
N HIS B 344 -30.82 -10.00 13.07
CA HIS B 344 -31.94 -10.61 12.41
C HIS B 344 -32.92 -11.03 13.50
N LYS B 345 -34.16 -11.22 13.05
CA LYS B 345 -35.26 -11.56 13.95
C LYS B 345 -34.99 -12.76 14.83
N TYR B 346 -34.46 -13.84 14.25
CA TYR B 346 -34.28 -15.06 14.98
C TYR B 346 -32.86 -15.33 15.56
N ASP B 347 -32.06 -14.26 15.68
CA ASP B 347 -30.80 -14.28 16.48
C ASP B 347 -31.09 -14.79 17.88
N GLU B 348 -30.23 -15.65 18.41
CA GLU B 348 -30.41 -16.13 19.76
C GLU B 348 -29.08 -16.45 20.38
N HIS B 349 -29.08 -16.67 21.69
CA HIS B 349 -27.93 -17.17 22.42
C HIS B 349 -26.75 -16.19 22.30
N TYR B 350 -27.03 -14.94 22.65
CA TYR B 350 -25.97 -13.94 22.85
C TYR B 350 -24.84 -14.48 23.70
N GLN B 351 -23.58 -14.23 23.27
CA GLN B 351 -22.46 -14.42 24.16
C GLN B 351 -21.47 -13.30 23.96
N SER B 352 -20.59 -13.11 24.93
CA SER B 352 -19.55 -12.07 24.91
C SER B 352 -18.29 -12.63 25.53
N ILE B 353 -17.10 -12.14 25.12
CA ILE B 353 -15.88 -12.44 25.79
C ILE B 353 -14.98 -11.19 25.69
N GLU B 354 -14.35 -10.84 26.79
CA GLU B 354 -13.33 -9.79 26.85
C GLU B 354 -11.96 -10.43 26.66
N LEU B 355 -11.18 -9.84 25.77
CA LEU B 355 -9.82 -10.42 25.48
C LEU B 355 -8.88 -10.31 26.69
N ASN B 356 -9.05 -9.28 27.52
CA ASN B 356 -8.19 -9.14 28.71
C ASN B 356 -6.68 -9.24 28.38
N GLY B 357 -6.25 -8.62 27.30
CA GLY B 357 -4.85 -8.61 26.93
C GLY B 357 -4.33 -9.85 26.22
N ALA B 358 -5.17 -10.88 26.09
CA ALA B 358 -4.83 -12.07 25.28
C ALA B 358 -4.96 -11.77 23.78
N TYR B 359 -4.44 -12.65 22.95
CA TYR B 359 -4.57 -12.56 21.50
C TYR B 359 -5.19 -13.85 20.98
N ILE B 360 -5.80 -13.75 19.82
CA ILE B 360 -6.36 -14.91 19.13
C ILE B 360 -5.22 -15.66 18.44
N LYS B 361 -5.02 -16.91 18.81
CA LYS B 361 -3.94 -17.70 18.25
C LYS B 361 -4.31 -18.37 16.94
N TYR B 362 -5.52 -18.94 16.88
CA TYR B 362 -6.00 -19.62 15.70
C TYR B 362 -7.50 -19.80 15.85
N VAL B 363 -8.18 -20.13 14.77
CA VAL B 363 -9.62 -20.37 14.80
C VAL B 363 -9.97 -21.65 14.06
N ASP B 364 -10.97 -22.36 14.57
CA ASP B 364 -11.44 -23.54 13.93
C ASP B 364 -12.84 -23.23 13.41
N VAL B 365 -13.13 -23.66 12.20
CA VAL B 365 -14.37 -23.38 11.58
C VAL B 365 -15.00 -24.65 10.94
N ILE B 366 -16.31 -24.82 11.14
CA ILE B 366 -17.07 -25.85 10.41
C ILE B 366 -17.97 -25.23 9.39
N ALA B 367 -17.77 -25.51 8.12
CA ALA B 367 -18.66 -25.07 7.03
C ALA B 367 -19.58 -26.21 6.63
N ASN B 368 -20.71 -25.87 6.01
CA ASN B 368 -21.73 -26.88 5.70
C ASN B 368 -22.74 -26.32 4.73
N GLY B 369 -23.41 -27.21 4.00
CA GLY B 369 -24.69 -26.86 3.39
C GLY B 369 -25.70 -26.38 4.45
N PRO B 370 -26.57 -25.42 4.08
CA PRO B 370 -26.68 -24.76 2.79
C PRO B 370 -26.01 -23.36 2.85
N GLU B 371 -24.85 -23.22 2.20
CA GLU B 371 -24.18 -21.91 2.21
C GLU B 371 -24.03 -21.41 3.71
N ALA B 372 -23.58 -22.26 4.64
CA ALA B 372 -23.54 -21.83 6.08
C ALA B 372 -22.22 -22.14 6.82
N ILE B 373 -21.97 -21.36 7.85
CA ILE B 373 -20.88 -21.66 8.75
C ILE B 373 -21.60 -22.20 9.99
N ASP B 374 -21.41 -23.49 10.33
CA ASP B 374 -22.03 -24.05 11.52
C ASP B 374 -21.45 -23.62 12.84
N ARG B 375 -20.13 -23.50 12.92
CA ARG B 375 -19.47 -23.24 14.18
C ARG B 375 -18.17 -22.51 13.92
N ILE B 376 -17.83 -21.60 14.81
CA ILE B 376 -16.49 -20.98 14.87
C ILE B 376 -15.98 -21.08 16.30
N VAL B 377 -14.74 -21.57 16.48
CA VAL B 377 -14.11 -21.62 17.79
C VAL B 377 -12.87 -20.74 17.80
N PHE B 378 -12.86 -19.71 18.63
CA PHE B 378 -11.71 -18.86 18.72
C PHE B 378 -10.86 -19.41 19.86
N HIS B 379 -9.56 -19.56 19.63
CA HIS B 379 -8.61 -19.99 20.67
C HIS B 379 -7.67 -18.90 21.12
N PHE B 380 -7.74 -18.52 22.39
CA PHE B 380 -6.98 -17.40 22.88
C PHE B 380 -5.65 -17.85 23.53
N SER B 381 -4.70 -16.93 23.59
CA SER B 381 -3.38 -17.18 24.12
C SER B 381 -3.37 -17.44 25.64
N ASP B 382 -4.46 -17.10 26.35
CA ASP B 382 -4.58 -17.41 27.78
C ASP B 382 -5.38 -18.68 28.01
N ASP B 383 -5.48 -19.51 27.02
CA ASP B 383 -6.12 -20.82 27.12
C ASP B 383 -7.68 -20.85 27.14
N ARG B 384 -8.30 -19.69 27.07
CA ARG B 384 -9.74 -19.63 26.90
C ARG B 384 -10.13 -19.92 25.47
N THR B 385 -11.37 -20.36 25.27
CA THR B 385 -11.95 -20.46 23.96
C THR B 385 -13.29 -19.69 23.95
N PHE B 386 -13.72 -19.29 22.76
CA PHE B 386 -15.05 -18.68 22.49
C PHE B 386 -15.68 -19.40 21.32
N VAL B 387 -16.85 -19.97 21.59
CA VAL B 387 -17.51 -20.87 20.65
C VAL B 387 -18.81 -20.27 20.19
N VAL B 388 -18.92 -20.04 18.89
CA VAL B 388 -20.15 -19.54 18.28
C VAL B 388 -20.71 -20.63 17.43
N GLY B 389 -22.03 -20.82 17.53
CA GLY B 389 -22.69 -21.82 16.74
C GLY B 389 -22.60 -23.15 17.45
N GLU B 390 -22.83 -24.21 16.70
CA GLU B 390 -22.86 -25.59 17.27
C GLU B 390 -22.10 -26.61 16.45
N ASN B 391 -21.55 -27.62 17.12
CA ASN B 391 -20.87 -28.70 16.40
C ASN B 391 -21.87 -29.65 15.72
N SER B 392 -22.06 -29.47 14.42
CA SER B 392 -22.88 -30.36 13.62
C SER B 392 -22.16 -31.70 13.30
N GLY B 393 -20.93 -31.89 13.77
CA GLY B 393 -20.11 -33.03 13.39
C GLY B 393 -19.55 -33.00 11.97
N LYS B 394 -19.75 -31.94 11.20
CA LYS B 394 -19.10 -31.80 9.91
C LYS B 394 -17.61 -31.44 10.14
N PRO B 395 -16.73 -31.65 9.14
CA PRO B 395 -15.30 -31.46 9.28
C PRO B 395 -14.97 -29.99 9.65
N SER B 396 -14.01 -29.85 10.54
CA SER B 396 -13.51 -28.55 10.97
C SER B 396 -12.21 -28.25 10.27
N VAL B 397 -11.98 -26.96 9.94
CA VAL B 397 -10.69 -26.60 9.47
C VAL B 397 -10.09 -25.59 10.42
N ARG B 398 -8.75 -25.62 10.52
CA ARG B 398 -8.06 -24.71 11.41
C ARG B 398 -7.34 -23.68 10.57
N LEU B 399 -7.62 -22.41 10.86
CA LEU B 399 -6.95 -21.29 10.24
C LEU B 399 -5.87 -20.80 11.18
N GLN B 400 -4.63 -20.88 10.71
CA GLN B 400 -3.47 -20.50 11.50
C GLN B 400 -2.32 -20.19 10.58
N LEU B 401 -1.52 -19.21 10.99
CA LEU B 401 -0.25 -18.92 10.33
C LEU B 401 0.83 -18.90 11.36
N GLU B 402 1.83 -19.78 11.22
CA GLU B 402 2.92 -19.83 12.17
C GLU B 402 3.53 -18.45 12.46
N GLY B 403 3.78 -18.15 13.71
CA GLY B 403 4.47 -16.95 14.13
C GLY B 403 3.57 -15.70 14.08
N HIS B 404 2.30 -15.89 13.76
CA HIS B 404 1.40 -14.73 13.50
C HIS B 404 0.17 -15.00 14.34
N PHE B 405 -0.53 -13.96 14.71
CA PHE B 405 -1.77 -14.09 15.44
C PHE B 405 -2.90 -13.47 14.60
N ILE B 406 -4.15 -13.73 14.98
CA ILE B 406 -5.31 -13.26 14.29
C ILE B 406 -5.70 -11.86 14.78
N CYS B 407 -5.71 -10.93 13.81
CA CYS B 407 -5.93 -9.51 14.12
C CYS B 407 -7.20 -8.94 13.56
N GLY B 408 -7.92 -9.72 12.80
CA GLY B 408 -9.17 -9.30 12.17
C GLY B 408 -9.85 -10.51 11.62
N MET B 409 -11.05 -10.28 11.14
CA MET B 409 -11.85 -11.33 10.53
C MET B 409 -12.98 -10.75 9.74
N LEU B 410 -13.56 -11.56 8.87
CA LEU B 410 -14.65 -11.12 8.03
C LEU B 410 -15.75 -12.16 7.98
N ALA B 411 -17.01 -11.71 7.98
CA ALA B 411 -18.17 -12.66 7.86
C ALA B 411 -19.21 -12.08 6.89
N ASP B 412 -19.83 -12.92 6.12
CA ASP B 412 -20.82 -12.38 5.21
C ASP B 412 -21.93 -13.33 5.35
N GLN B 413 -23.13 -12.80 5.58
CA GLN B 413 -24.34 -13.60 5.60
C GLN B 413 -24.96 -13.88 4.22
N GLU B 414 -24.48 -13.18 3.19
CA GLU B 414 -25.01 -13.30 1.80
C GLU B 414 -26.55 -13.25 1.74
N GLY B 415 -27.14 -12.16 2.23
CA GLY B 415 -28.59 -12.04 2.24
C GLY B 415 -29.36 -12.79 3.30
N SER B 416 -28.74 -13.74 4.02
CA SER B 416 -29.41 -14.60 5.00
C SER B 416 -29.33 -14.10 6.42
N ASP B 417 -29.88 -14.90 7.36
CA ASP B 417 -29.84 -14.48 8.75
C ASP B 417 -28.77 -15.27 9.47
N LYS B 418 -27.90 -15.90 8.65
CA LYS B 418 -26.73 -16.62 9.12
C LYS B 418 -25.45 -16.38 8.25
N VAL B 419 -24.32 -16.39 8.92
CA VAL B 419 -23.02 -16.23 8.30
C VAL B 419 -22.77 -17.40 7.35
N ALA B 420 -22.37 -17.04 6.12
CA ALA B 420 -22.18 -17.94 5.00
C ALA B 420 -20.70 -18.14 4.58
N ALA B 421 -19.83 -17.19 4.95
CA ALA B 421 -18.43 -17.19 4.55
C ALA B 421 -17.72 -16.46 5.69
N PHE B 422 -16.55 -16.95 6.02
CA PHE B 422 -15.75 -16.44 7.13
C PHE B 422 -14.28 -16.51 6.78
N SER B 423 -13.48 -15.51 7.19
CA SER B 423 -12.05 -15.54 6.99
C SER B 423 -11.41 -14.75 8.07
N VAL B 424 -10.08 -14.86 8.20
CA VAL B 424 -9.36 -14.10 9.19
C VAL B 424 -8.12 -13.44 8.58
N ALA B 425 -7.57 -12.49 9.33
CA ALA B 425 -6.34 -11.77 9.02
C ALA B 425 -5.30 -11.98 10.08
N TYR B 426 -4.03 -11.93 9.66
CA TYR B 426 -2.88 -12.23 10.50
C TYR B 426 -1.89 -11.09 10.59
N GLU B 427 -1.15 -11.09 11.66
CA GLU B 427 -0.14 -10.11 11.92
C GLU B 427 0.99 -10.81 12.69
N LEU B 428 2.23 -10.38 12.46
CA LEU B 428 3.37 -10.94 13.15
C LEU B 428 3.26 -10.76 14.66
N PHE B 429 3.59 -11.83 15.40
CA PHE B 429 3.58 -11.73 16.85
C PHE B 429 4.47 -10.57 17.38
N HIS B 430 4.01 -9.89 18.42
CA HIS B 430 4.65 -8.71 19.00
C HIS B 430 4.96 -8.91 20.48
N PRO B 431 6.19 -9.25 20.80
CA PRO B 431 6.60 -9.30 22.23
C PRO B 431 6.38 -8.01 23.02
N ASP B 432 6.52 -6.85 22.38
CA ASP B 432 6.20 -5.58 23.04
C ASP B 432 4.75 -5.42 23.45
N GLU B 433 3.81 -6.03 22.78
CA GLU B 433 2.41 -5.93 23.18
C GLU B 433 1.98 -7.08 24.05
N PHE B 434 2.52 -8.27 23.80
CA PHE B 434 1.86 -9.46 24.37
C PHE B 434 2.76 -10.20 25.33
N GLY B 435 4.00 -9.80 25.43
CA GLY B 435 5.00 -10.46 26.27
C GLY B 435 5.81 -11.50 25.49
N THR B 436 6.91 -11.96 26.06
CA THR B 436 7.75 -12.89 25.34
C THR B 436 7.09 -14.30 25.39
N GLU B 437 7.37 -15.12 24.38
CA GLU B 437 6.75 -16.45 24.28
C GLU B 437 7.75 -17.44 23.66
N LYS B 438 7.72 -18.69 24.13
CA LYS B 438 8.63 -19.73 23.64
C LYS B 438 8.28 -20.08 22.19
N LEU B 439 9.30 -20.21 21.33
CA LEU B 439 9.07 -20.73 19.96
C LEU B 439 8.29 -22.09 19.98
N GLU B 440 7.19 -22.12 19.22
CA GLU B 440 6.35 -23.32 19.08
C GLU B 440 6.84 -24.19 17.92
N HIS B 441 6.65 -25.51 18.06
CA HIS B 441 6.80 -26.45 16.95
C HIS B 441 5.38 -26.90 16.67
#